data_2IBT
#
_entry.id   2IBT
#
_cell.length_a   59.339
_cell.length_b   68.699
_cell.length_c   114.022
_cell.angle_alpha   90.00
_cell.angle_beta   92.09
_cell.angle_gamma   90.00
#
_symmetry.space_group_name_H-M   'P 1 21 1'
#
loop_
_entity.id
_entity.type
_entity.pdbx_description
1 polymer "5'-D(*GP*TP*TP*CP*GP*(2PR)P*TP*GP*TP*C)-3'"
2 polymer "5'-D(*GP*AP*CP*AP*(3DR)P*CP*GP*(6MA)P*AP*C)-3'"
3 polymer 'Modification methylase TaqI'
4 non-polymer "5'-DEOXY-5'-[2-(AMINO)ETHYLTHIO]ADENOSINE"
5 non-polymer GLYCEROL
6 water water
#
loop_
_entity_poly.entity_id
_entity_poly.type
_entity_poly.pdbx_seq_one_letter_code
_entity_poly.pdbx_strand_id
1 'polydeoxyribonucleotide' (DG)(DT)(DT)(DC)(DG)(2PR)(DT)(DG)(DT)(DC) B,E
2 'polydeoxyribonucleotide' (DG)(DA)(DC)(DA)(3DR)(DC)(DG)(6MA)(DA)(DC) C,F
3 'polypeptide(L)'
;MGLPPLLSLPSNSAPRSLGRVETPPEVVDFMVSLAEAPRGGRVLEPACAHGPFLRAFREAHGTAYRFVGVEIDPKALDLP
PWAEGILADFLLWEPGEAFDLILGNPPYGIVGEASKYPIHVFKAVKDLYKKAFSTWKGKYNLYGAFLEKAVRLLKPGGVL
VFVVPATWLVLEDFALLREFLAREGKTSVYYLGEVFPQKKVSAVVIRFQKSGKGLSLWDTQESESGFTPILWAEYPHWEG
EIIRFETEETRKLEISGMPLGDLFHIRFAARSPEFKKHPAVRKEPGPGLVPVLTGRNLKPGWVDYEKNHSGLWMPKERAK
ELRDFYATPHLVVAHTKGTRVVAAWDERAYPWREEFHLLPKEGVRLDPSSLVQWLNSEAMQKHVRTLYRDFVPHLTLRML
ERLPVRREYGFHTSPESARNF
;
A,D
#
loop_
_chem_comp.id
_chem_comp.type
_chem_comp.name
_chem_comp.formula
2PR DNA linking 2-AMINO-9-[2-DEOXYRIBOFURANOSYL]-9H-PURINE-5'-MONOPHOSPHATE 'C10 H14 N5 O6 P'
3DR DNA linking 1',2'-DIDEOXYRIBOFURANOSE-5'-PHOSPHATE 'C5 H11 O6 P'
6MA DNA linking N6-METHYL-DEOXY-ADENOSINE-5'-MONOPHOSPHATE 'C11 H16 N5 O6 P'
DA DNA linking 2'-DEOXYADENOSINE-5'-MONOPHOSPHATE 'C10 H14 N5 O6 P'
DC DNA linking 2'-DEOXYCYTIDINE-5'-MONOPHOSPHATE 'C9 H14 N3 O7 P'
DG DNA linking 2'-DEOXYGUANOSINE-5'-MONOPHOSPHATE 'C10 H14 N5 O7 P'
DT DNA linking THYMIDINE-5'-MONOPHOSPHATE 'C10 H15 N2 O8 P'
GOL non-polymer GLYCEROL 'C3 H8 O3'
NEA non-polymer 5'-DEOXY-5'-[2-(AMINO)ETHYLTHIO]ADENOSINE 'C12 H18 N6 O3 S'
#
# COMPACT_ATOMS: atom_id res chain seq x y z
P 2PR A 6 23.73 -27.05 16.18
OP1 2PR A 6 25.05 -27.67 16.47
OP2 2PR A 6 22.88 -26.63 17.28
O5' 2PR A 6 23.89 -25.83 15.14
C5' 2PR A 6 24.17 -24.54 15.66
C4' 2PR A 6 25.26 -23.86 14.83
O4' 2PR A 6 25.46 -22.49 15.27
C3' 2PR A 6 26.63 -24.52 14.96
O3' 2PR A 6 27.27 -24.43 13.70
C2' 2PR A 6 27.33 -23.69 16.04
C1' 2PR A 6 26.78 -22.30 15.77
N9 2PR A 6 26.55 -21.45 16.93
C8 2PR A 6 26.35 -21.81 18.26
N7 2PR A 6 26.10 -20.77 19.06
C5 2PR A 6 26.13 -19.68 18.17
C6 2PR A 6 25.94 -18.28 18.35
N1 2PR A 6 26.03 -17.49 17.24
C2 2PR A 6 26.30 -18.05 16.06
N2 2PR A 6 26.40 -17.21 15.01
N3 2PR A 6 26.48 -19.35 15.77
C4 2PR A 6 26.40 -20.10 16.88
O5' 3DR B 5 20.04 -39.43 7.26
P 3DR B 5 20.06 -40.23 5.89
OP1 3DR B 5 20.18 -41.70 6.09
OP2 3DR B 5 18.93 -39.72 5.06
C2' 3DR B 5 22.64 -38.17 10.84
C5' 3DR B 5 20.76 -39.95 8.38
C4' 3DR B 5 22.07 -39.23 8.68
O4' 3DR B 5 21.97 -37.79 8.61
C1' 3DR B 5 21.93 -37.22 9.92
C3' 3DR B 5 22.62 -39.51 10.08
O3' 3DR B 5 23.92 -39.99 9.91
P 6MA B 8 22.37 -42.34 22.57
OP1 6MA B 8 23.81 -42.57 22.28
OP2 6MA B 8 21.58 -43.45 23.10
O5' 6MA B 8 22.14 -41.08 23.55
C5' 6MA B 8 22.79 -39.84 23.26
C4' 6MA B 8 21.84 -38.70 23.56
O4' 6MA B 8 20.81 -38.65 22.54
C3' 6MA B 8 21.12 -38.78 24.90
O3' 6MA B 8 20.96 -37.44 25.36
C2' 6MA B 8 19.78 -39.44 24.54
C1' 6MA B 8 19.54 -38.87 23.15
N9 6MA B 8 18.79 -39.75 22.25
C8 6MA B 8 18.78 -41.12 22.17
N7 6MA B 8 17.99 -41.59 21.23
C5 6MA B 8 17.52 -40.45 20.60
C6 6MA B 8 16.63 -40.22 19.51
N1 6MA B 8 16.36 -38.92 19.21
C2 6MA B 8 16.94 -37.92 19.90
N3 6MA B 8 17.76 -38.00 20.95
C4 6MA B 8 18.01 -39.30 21.23
N6 6MA B 8 16.04 -41.15 18.72
C1 6MA B 8 16.40 -42.58 18.72
P 2PR C 6 -21.04 18.01 -15.89
OP1 2PR C 6 -21.90 16.85 -16.15
OP2 2PR C 6 -20.48 18.72 -17.06
O5' 2PR C 6 -21.73 19.06 -14.93
C5' 2PR C 6 -22.69 20.00 -15.49
C4' 2PR C 6 -23.96 19.97 -14.64
O4' 2PR C 6 -24.95 20.89 -15.15
C3' 2PR C 6 -24.69 18.63 -14.59
O3' 2PR C 6 -25.29 18.47 -13.30
C2' 2PR C 6 -25.70 18.77 -15.75
C1' 2PR C 6 -26.12 20.22 -15.64
N9 2PR C 6 -26.32 20.94 -16.89
C8 2PR C 6 -25.84 20.62 -18.14
N7 2PR C 6 -26.15 21.55 -19.06
C5 2PR C 6 -26.82 22.53 -18.33
C6 2PR C 6 -27.39 23.78 -18.71
N1 2PR C 6 -27.98 24.51 -17.74
C2 2PR C 6 -28.01 24.05 -16.48
N2 2PR C 6 -28.62 24.82 -15.59
N3 2PR C 6 -27.50 22.90 -16.01
C4 2PR C 6 -26.93 22.18 -17.00
O5' 3DR D 5 -11.55 10.46 -5.73
P 3DR D 5 -11.30 9.87 -4.26
OP1 3DR D 5 -10.61 8.56 -4.33
OP2 3DR D 5 -10.72 10.99 -3.48
C2' 3DR D 5 -14.23 9.88 -9.29
C5' 3DR D 5 -11.78 9.58 -6.84
C4' 3DR D 5 -13.25 9.42 -7.12
O4' 3DR D 5 -13.99 10.69 -7.08
C1' 3DR D 5 -14.82 10.78 -8.22
C3' 3DR D 5 -13.56 8.78 -8.47
O3' 3DR D 5 -14.44 7.70 -8.20
P 6MA D 8 -11.43 5.15 -20.62
OP1 6MA D 8 -12.62 4.33 -20.35
OP2 6MA D 8 -10.14 4.61 -21.12
O5' 6MA D 8 -11.84 6.30 -21.66
C5' 6MA D 8 -13.07 7.00 -21.51
C4' 6MA D 8 -12.90 8.43 -21.95
O4' 6MA D 8 -12.05 9.16 -21.02
C3' 6MA D 8 -12.23 8.64 -23.30
O3' 6MA D 8 -12.85 9.81 -23.93
C2' 6MA D 8 -10.74 8.88 -23.00
C1' 6MA D 8 -10.86 9.60 -21.65
N9 6MA D 8 -9.80 9.33 -20.67
C8 6MA D 8 -9.06 8.19 -20.48
N7 6MA D 8 -8.21 8.30 -19.47
C5 6MA D 8 -8.44 9.58 -18.94
C6 6MA D 8 -7.87 10.36 -17.89
N1 6MA D 8 -8.31 11.63 -17.68
C2 6MA D 8 -9.29 12.12 -18.48
N3 6MA D 8 -9.88 11.47 -19.50
C4 6MA D 8 -9.41 10.23 -19.69
N6 6MA D 8 -6.93 9.97 -17.01
C1 6MA D 8 -6.43 8.59 -16.94
N VAL E 21 30.82 -15.98 20.29
CA VAL E 21 30.99 -16.37 18.85
C VAL E 21 30.53 -15.23 17.93
N GLU E 22 31.33 -14.93 16.90
CA GLU E 22 31.22 -13.63 16.26
C GLU E 22 30.01 -13.42 15.32
N THR E 23 29.58 -12.17 15.31
CA THR E 23 28.53 -11.71 14.44
C THR E 23 29.19 -10.78 13.42
N PRO E 24 29.00 -11.06 12.11
CA PRO E 24 29.52 -10.18 11.07
C PRO E 24 29.07 -8.73 11.28
N PRO E 25 29.97 -7.76 11.04
CA PRO E 25 29.62 -6.37 11.29
C PRO E 25 28.40 -5.86 10.52
N GLU E 26 28.18 -6.36 9.29
CA GLU E 26 27.02 -5.92 8.52
C GLU E 26 25.71 -6.45 9.11
N VAL E 27 25.78 -7.62 9.75
CA VAL E 27 24.62 -8.13 10.51
C VAL E 27 24.37 -7.26 11.73
N VAL E 28 25.43 -6.93 12.45
CA VAL E 28 25.32 -6.06 13.63
C VAL E 28 24.68 -4.73 13.23
N ASP E 29 25.21 -4.13 12.17
CA ASP E 29 24.73 -2.83 11.70
C ASP E 29 23.26 -2.87 11.27
N PHE E 30 22.89 -3.94 10.57
CA PHE E 30 21.49 -4.11 10.20
C PHE E 30 20.61 -4.16 11.44
N MET E 31 20.99 -5.00 12.41
CA MET E 31 20.22 -5.13 13.63
C MET E 31 20.12 -3.82 14.39
N VAL E 32 21.24 -3.09 14.49
CA VAL E 32 21.24 -1.77 15.15
C VAL E 32 20.28 -0.79 14.45
N SER E 33 20.19 -0.86 13.12
CA SER E 33 19.24 -0.04 12.35
C SER E 33 17.75 -0.33 12.66
N LEU E 34 17.46 -1.53 13.19
CA LEU E 34 16.09 -1.91 13.58
C LEU E 34 15.80 -1.61 15.04
N ALA E 35 16.83 -1.27 15.79
CA ALA E 35 16.70 -1.12 17.23
C ALA E 35 16.35 0.31 17.57
N GLU E 36 15.62 0.46 18.68
CA GLU E 36 15.32 1.77 19.24
C GLU E 36 15.10 1.69 20.74
N ALA E 37 15.34 2.82 21.41
CA ALA E 37 15.13 2.95 22.84
C ALA E 37 14.92 4.43 23.15
N PRO E 38 14.09 4.74 24.16
CA PRO E 38 13.98 6.15 24.52
C PRO E 38 15.22 6.70 25.23
N ARG E 39 15.40 8.01 25.20
CA ARG E 39 16.47 8.66 25.97
C ARG E 39 16.49 8.15 27.40
N GLY E 40 17.69 7.75 27.86
CA GLY E 40 17.86 7.24 29.20
C GLY E 40 17.36 5.81 29.34
N GLY E 41 16.90 5.24 28.24
CA GLY E 41 16.40 3.85 28.23
C GLY E 41 17.44 2.83 28.62
N ARG E 42 16.98 1.70 29.14
CA ARG E 42 17.84 0.60 29.55
C ARG E 42 18.05 -0.35 28.37
N VAL E 43 19.32 -0.56 28.04
CA VAL E 43 19.73 -1.33 26.87
C VAL E 43 20.61 -2.50 27.27
N LEU E 44 20.15 -3.71 26.95
CA LEU E 44 20.79 -4.94 27.40
C LEU E 44 21.31 -5.77 26.23
N GLU E 45 22.56 -6.23 26.37
CA GLU E 45 23.10 -7.29 25.50
C GLU E 45 23.34 -8.57 26.31
N PRO E 46 22.45 -9.58 26.13
CA PRO E 46 22.64 -10.88 26.77
C PRO E 46 23.74 -11.65 26.04
N ALA E 47 24.44 -12.51 26.78
CA ALA E 47 25.56 -13.32 26.24
C ALA E 47 26.60 -12.42 25.57
N CYS E 48 26.98 -11.35 26.24
CA CYS E 48 27.59 -10.20 25.55
C CYS E 48 29.08 -10.34 25.22
N ALA E 49 29.83 -11.15 25.98
CA ALA E 49 31.29 -11.16 25.89
C ALA E 49 31.83 -9.70 25.94
N HIS E 50 32.45 -9.22 24.86
CA HIS E 50 33.02 -7.84 24.87
C HIS E 50 31.99 -6.75 24.50
N GLY E 51 30.76 -7.17 24.23
CA GLY E 51 29.64 -6.25 23.98
C GLY E 51 29.67 -5.55 22.63
N PRO E 52 29.78 -6.30 21.52
CA PRO E 52 29.77 -5.63 20.20
C PRO E 52 28.44 -4.90 19.88
N PHE E 53 27.32 -5.42 20.36
CA PHE E 53 26.04 -4.75 20.10
C PHE E 53 25.85 -3.45 20.89
N LEU E 54 26.26 -3.47 22.16
CA LEU E 54 26.27 -2.27 22.99
C LEU E 54 27.12 -1.19 22.31
N ARG E 55 28.29 -1.60 21.83
CA ARG E 55 29.26 -0.66 21.21
C ARG E 55 28.67 -0.07 19.93
N ALA E 56 28.07 -0.91 19.10
CA ALA E 56 27.49 -0.46 17.85
C ALA E 56 26.26 0.43 18.07
N PHE E 57 25.46 0.11 19.08
CA PHE E 57 24.28 0.90 19.36
C PHE E 57 24.70 2.27 19.86
N ARG E 58 25.64 2.29 20.82
CA ARG E 58 26.19 3.56 21.31
C ARG E 58 26.79 4.44 20.20
N GLU E 59 27.56 3.85 19.30
CA GLU E 59 28.17 4.59 18.18
C GLU E 59 27.12 5.20 17.28
N ALA E 60 26.03 4.45 17.06
CA ALA E 60 24.99 4.86 16.14
C ALA E 60 23.98 5.83 16.74
N HIS E 61 23.56 5.58 17.98
CA HIS E 61 22.46 6.31 18.57
C HIS E 61 22.85 7.23 19.73
N GLY E 62 24.13 7.21 20.13
CA GLY E 62 24.64 8.11 21.17
C GLY E 62 24.76 7.51 22.57
N THR E 63 25.06 8.38 23.53
CA THR E 63 25.49 7.95 24.86
C THR E 63 24.40 7.95 25.94
N ALA E 64 23.26 8.59 25.67
CA ALA E 64 22.20 8.80 26.69
C ALA E 64 21.30 7.57 26.87
N TYR E 65 21.92 6.47 27.26
CA TYR E 65 21.24 5.23 27.60
C TYR E 65 22.00 4.55 28.74
N ARG E 66 21.30 3.67 29.44
CA ARG E 66 21.91 2.81 30.44
C ARG E 66 22.25 1.46 29.82
N PHE E 67 23.54 1.23 29.58
CA PHE E 67 24.00 0.03 28.86
C PHE E 67 24.40 -1.07 29.85
N VAL E 68 23.89 -2.28 29.60
CA VAL E 68 24.15 -3.43 30.47
C VAL E 68 24.49 -4.67 29.60
N GLY E 69 25.47 -5.46 30.02
CA GLY E 69 25.80 -6.71 29.32
C GLY E 69 25.77 -7.82 30.37
N VAL E 70 25.24 -8.99 30.00
CA VAL E 70 25.21 -10.16 30.89
C VAL E 70 26.00 -11.27 30.23
N GLU E 71 26.91 -11.87 30.97
CA GLU E 71 27.84 -12.86 30.42
C GLU E 71 28.16 -13.88 31.51
N ILE E 72 28.12 -15.16 31.14
CA ILE E 72 28.33 -16.23 32.11
C ILE E 72 29.81 -16.57 32.38
N ASP E 73 30.69 -16.27 31.41
CA ASP E 73 32.09 -16.71 31.48
C ASP E 73 32.97 -15.51 31.81
N PRO E 74 33.63 -15.51 32.99
CA PRO E 74 34.48 -14.37 33.37
C PRO E 74 35.60 -14.05 32.38
N LYS E 75 36.12 -15.07 31.70
CA LYS E 75 37.14 -14.89 30.69
C LYS E 75 36.63 -14.11 29.47
N ALA E 76 35.31 -14.14 29.27
CA ALA E 76 34.69 -13.54 28.09
C ALA E 76 34.20 -12.10 28.32
N LEU E 77 33.77 -11.80 29.54
CA LEU E 77 33.20 -10.50 29.81
C LEU E 77 34.28 -9.42 29.73
N ASP E 78 34.12 -8.47 28.80
CA ASP E 78 35.17 -7.46 28.58
C ASP E 78 34.52 -6.21 28.03
N LEU E 79 33.79 -5.52 28.88
CA LEU E 79 33.00 -4.37 28.45
C LEU E 79 33.76 -3.05 28.65
N PRO E 80 33.39 -2.01 27.90
CA PRO E 80 33.93 -0.67 28.18
C PRO E 80 33.39 -0.16 29.51
N PRO E 81 34.11 0.80 30.13
CA PRO E 81 33.69 1.35 31.42
C PRO E 81 32.31 2.01 31.44
N TRP E 82 31.79 2.42 30.28
CA TRP E 82 30.47 3.05 30.24
C TRP E 82 29.30 2.06 30.29
N ALA E 83 29.60 0.77 30.24
CA ALA E 83 28.56 -0.30 30.35
C ALA E 83 28.70 -1.05 31.67
N GLU E 84 27.58 -1.50 32.23
CA GLU E 84 27.62 -2.34 33.43
C GLU E 84 27.67 -3.80 33.01
N GLY E 85 28.70 -4.52 33.45
CA GLY E 85 28.83 -5.96 33.17
C GLY E 85 28.39 -6.80 34.34
N ILE E 86 27.54 -7.79 34.07
CA ILE E 86 27.08 -8.71 35.12
C ILE E 86 27.50 -10.12 34.76
N LEU E 87 28.10 -10.82 35.74
CA LEU E 87 28.46 -12.23 35.54
C LEU E 87 27.32 -13.07 36.04
N ALA E 88 26.62 -13.69 35.09
CA ALA E 88 25.40 -14.44 35.39
C ALA E 88 25.04 -15.34 34.23
N ASP E 89 24.31 -16.40 34.57
CA ASP E 89 23.56 -17.15 33.57
C ASP E 89 22.31 -16.33 33.23
N PHE E 90 22.28 -15.78 32.01
CA PHE E 90 21.18 -14.93 31.58
C PHE E 90 19.82 -15.61 31.76
N LEU E 91 19.78 -16.91 31.52
CA LEU E 91 18.52 -17.65 31.56
C LEU E 91 17.91 -17.75 32.96
N LEU E 92 18.73 -17.52 33.98
CA LEU E 92 18.30 -17.63 35.40
C LEU E 92 18.43 -16.31 36.14
N TRP E 93 18.87 -15.28 35.41
CA TRP E 93 19.13 -13.96 35.98
C TRP E 93 17.83 -13.21 36.31
N GLU E 94 17.78 -12.57 37.48
CA GLU E 94 16.62 -11.77 37.83
C GLU E 94 17.04 -10.33 38.17
N PRO E 95 17.00 -9.42 37.17
CA PRO E 95 17.35 -8.01 37.38
C PRO E 95 16.30 -7.28 38.22
N GLY E 96 16.68 -6.15 38.80
CA GLY E 96 15.74 -5.33 39.56
C GLY E 96 14.66 -4.70 38.69
N GLU E 97 15.01 -4.38 37.44
CA GLU E 97 14.13 -3.62 36.56
C GLU E 97 14.20 -4.15 35.14
N ALA E 98 13.07 -4.07 34.43
CA ALA E 98 12.94 -4.48 33.02
C ALA E 98 13.70 -3.55 32.07
N PHE E 99 13.74 -3.92 30.79
CA PHE E 99 14.55 -3.21 29.79
C PHE E 99 13.74 -2.66 28.64
N ASP E 100 14.25 -1.59 28.04
CA ASP E 100 13.61 -0.95 26.91
C ASP E 100 14.01 -1.58 25.59
N LEU E 101 15.25 -2.05 25.54
CA LEU E 101 15.79 -2.63 24.34
C LEU E 101 16.70 -3.79 24.74
N ILE E 102 16.50 -4.92 24.09
CA ILE E 102 17.38 -6.08 24.29
C ILE E 102 17.86 -6.49 22.92
N LEU E 103 19.17 -6.58 22.74
CA LEU E 103 19.68 -6.96 21.42
C LEU E 103 20.89 -7.85 21.49
N GLY E 104 21.05 -8.66 20.45
CA GLY E 104 22.26 -9.42 20.32
C GLY E 104 22.13 -10.74 19.63
N ASN E 105 23.12 -11.59 19.88
CA ASN E 105 23.27 -12.89 19.20
C ASN E 105 23.36 -13.95 20.31
N PRO E 106 22.23 -14.62 20.62
CA PRO E 106 22.26 -15.61 21.71
C PRO E 106 23.08 -16.83 21.31
N PRO E 107 23.46 -17.67 22.30
CA PRO E 107 24.07 -18.94 21.94
C PRO E 107 22.99 -19.86 21.34
N TYR E 108 23.42 -20.79 20.48
CA TYR E 108 22.55 -21.74 19.81
C TYR E 108 22.99 -23.15 20.21
N GLY E 109 22.03 -24.02 20.49
CA GLY E 109 22.40 -25.42 20.71
C GLY E 109 21.43 -26.16 21.62
N ILE E 110 21.39 -27.47 21.43
CA ILE E 110 20.55 -28.31 22.25
C ILE E 110 21.31 -28.69 23.50
N VAL E 111 20.60 -28.64 24.64
CA VAL E 111 21.13 -29.09 25.92
C VAL E 111 20.99 -30.62 26.04
N GLY E 112 22.11 -31.31 26.13
CA GLY E 112 22.04 -32.77 26.25
C GLY E 112 23.39 -33.41 26.41
N GLU E 113 23.37 -34.73 26.50
CA GLU E 113 24.58 -35.56 26.64
C GLU E 113 25.64 -35.21 25.59
N ALA E 114 26.89 -35.10 26.05
CA ALA E 114 27.97 -34.58 25.20
C ALA E 114 28.29 -35.43 23.99
N SER E 115 27.97 -36.72 24.06
CA SER E 115 28.19 -37.62 22.92
C SER E 115 27.35 -37.25 21.69
N LYS E 116 26.28 -36.49 21.91
CA LYS E 116 25.33 -36.22 20.85
C LYS E 116 24.97 -34.71 20.70
N TYR E 117 25.00 -33.98 21.82
CA TYR E 117 24.57 -32.58 21.86
C TYR E 117 25.63 -31.64 22.43
N PRO E 118 25.64 -30.38 21.99
CA PRO E 118 26.75 -29.48 22.31
C PRO E 118 26.70 -28.72 23.65
N ILE E 119 25.53 -28.61 24.27
CA ILE E 119 25.41 -27.79 25.51
C ILE E 119 25.33 -28.70 26.73
N HIS E 120 26.28 -28.52 27.64
CA HIS E 120 26.51 -29.47 28.72
C HIS E 120 26.38 -28.82 30.07
N VAL E 121 25.29 -29.13 30.75
CA VAL E 121 25.01 -28.61 32.09
C VAL E 121 24.54 -29.77 32.99
N PHE E 122 24.60 -29.59 34.32
CA PHE E 122 24.04 -30.58 35.23
C PHE E 122 22.55 -30.77 34.93
N LYS E 123 22.04 -31.99 35.10
CA LYS E 123 20.58 -32.20 34.97
C LYS E 123 19.76 -31.18 35.79
N ALA E 124 20.23 -30.84 37.00
CA ALA E 124 19.51 -29.89 37.84
C ALA E 124 19.41 -28.48 37.20
N VAL E 125 20.44 -28.10 36.43
CA VAL E 125 20.40 -26.84 35.70
C VAL E 125 19.38 -26.91 34.55
N LYS E 126 19.40 -28.03 33.81
CA LYS E 126 18.38 -28.22 32.76
C LYS E 126 16.97 -28.17 33.35
N ASP E 127 16.79 -28.77 34.53
CA ASP E 127 15.52 -28.68 35.25
C ASP E 127 15.08 -27.25 35.58
N LEU E 128 16.03 -26.42 36.02
CA LEU E 128 15.72 -25.00 36.24
C LEU E 128 15.28 -24.29 34.95
N TYR E 129 15.94 -24.61 33.83
CA TYR E 129 15.54 -24.04 32.55
C TYR E 129 14.10 -24.43 32.19
N LYS E 130 13.79 -25.71 32.34
CA LYS E 130 12.42 -26.17 32.05
C LYS E 130 11.40 -25.50 32.95
N LYS E 131 11.73 -25.35 34.24
CA LYS E 131 10.85 -24.64 35.16
C LYS E 131 10.67 -23.17 34.73
N ALA E 132 11.75 -22.54 34.26
CA ALA E 132 11.75 -21.13 33.90
C ALA E 132 11.00 -20.78 32.62
N PHE E 133 10.94 -21.71 31.66
CA PHE E 133 10.48 -21.39 30.30
C PHE E 133 9.22 -22.12 29.86
N SER E 134 8.15 -21.34 29.74
CA SER E 134 6.84 -21.89 29.34
C SER E 134 6.87 -22.43 27.91
N THR E 135 7.84 -21.97 27.11
CA THR E 135 7.95 -22.37 25.69
C THR E 135 8.79 -23.63 25.49
N TRP E 136 9.44 -24.12 26.54
CA TRP E 136 10.32 -25.29 26.42
C TRP E 136 9.54 -26.52 25.92
N LYS E 137 10.00 -27.11 24.83
CA LYS E 137 9.30 -28.26 24.22
C LYS E 137 10.31 -29.14 23.51
N GLY E 138 10.09 -30.45 23.59
CA GLY E 138 10.98 -31.45 22.99
C GLY E 138 12.39 -31.30 23.55
N LYS E 139 13.40 -31.42 22.70
CA LYS E 139 14.80 -31.21 23.10
C LYS E 139 15.05 -29.71 23.31
N TYR E 140 14.28 -28.90 22.59
CA TYR E 140 14.37 -27.43 22.59
C TYR E 140 15.79 -26.92 22.26
N ASN E 141 16.10 -25.67 22.62
CA ASN E 141 17.36 -25.06 22.20
C ASN E 141 17.61 -23.84 23.05
N LEU E 142 18.87 -23.59 23.39
CA LEU E 142 19.23 -22.36 24.09
C LEU E 142 18.65 -21.11 23.41
N TYR E 143 18.58 -21.11 22.08
CA TYR E 143 18.19 -19.85 21.43
C TYR E 143 16.73 -19.54 21.64
N GLY E 144 15.91 -20.61 21.76
CA GLY E 144 14.50 -20.46 22.11
C GLY E 144 14.34 -19.89 23.53
N ALA E 145 15.13 -20.43 24.46
CA ALA E 145 15.11 -20.01 25.86
C ALA E 145 15.57 -18.55 26.00
N PHE E 146 16.62 -18.19 25.28
CA PHE E 146 17.07 -16.77 25.23
C PHE E 146 15.96 -15.82 24.75
N LEU E 147 15.25 -16.22 23.71
CA LEU E 147 14.15 -15.42 23.16
C LEU E 147 13.03 -15.24 24.18
N GLU E 148 12.63 -16.34 24.82
CA GLU E 148 11.59 -16.26 25.82
C GLU E 148 12.00 -15.37 27.00
N LYS E 149 13.19 -15.63 27.52
CA LYS E 149 13.75 -14.85 28.63
C LYS E 149 13.79 -13.37 28.29
N ALA E 150 14.29 -13.04 27.10
CA ALA E 150 14.36 -11.64 26.66
C ALA E 150 12.98 -10.99 26.62
N VAL E 151 12.01 -11.64 26.00
CA VAL E 151 10.65 -11.11 25.98
C VAL E 151 10.12 -10.84 27.40
N ARG E 152 10.35 -11.79 28.32
CA ARG E 152 9.91 -11.63 29.73
C ARG E 152 10.59 -10.45 30.44
N LEU E 153 11.81 -10.12 30.01
CA LEU E 153 12.57 -8.98 30.56
C LEU E 153 12.27 -7.62 29.92
N LEU E 154 11.44 -7.59 28.88
CA LEU E 154 11.06 -6.33 28.25
C LEU E 154 9.98 -5.59 29.03
N LYS E 155 10.15 -4.27 29.17
CA LYS E 155 9.07 -3.39 29.59
C LYS E 155 7.97 -3.45 28.53
N PRO E 156 6.71 -3.14 28.92
CA PRO E 156 5.65 -2.94 27.90
C PRO E 156 6.10 -1.98 26.80
N GLY E 157 5.87 -2.35 25.54
CA GLY E 157 6.34 -1.58 24.39
C GLY E 157 7.84 -1.66 24.09
N GLY E 158 8.58 -2.41 24.90
CA GLY E 158 10.01 -2.64 24.68
C GLY E 158 10.30 -3.41 23.40
N VAL E 159 11.54 -3.35 22.96
CA VAL E 159 11.97 -3.98 21.71
C VAL E 159 13.13 -4.95 21.91
N LEU E 160 13.05 -6.08 21.20
CA LEU E 160 14.10 -7.07 21.15
C LEU E 160 14.55 -7.20 19.69
N VAL E 161 15.86 -7.29 19.46
CA VAL E 161 16.38 -7.58 18.12
C VAL E 161 17.49 -8.62 18.28
N PHE E 162 17.21 -9.86 17.85
CA PHE E 162 18.13 -10.99 17.99
C PHE E 162 18.38 -11.56 16.61
N VAL E 163 19.56 -12.12 16.42
CA VAL E 163 19.81 -12.98 15.25
C VAL E 163 19.89 -14.44 15.72
N VAL E 164 19.12 -15.30 15.06
CA VAL E 164 18.93 -16.67 15.52
C VAL E 164 18.79 -17.56 14.29
N PRO E 165 18.93 -18.89 14.44
CA PRO E 165 18.64 -19.80 13.33
C PRO E 165 17.18 -19.64 12.84
N ALA E 166 16.91 -20.02 11.60
CA ALA E 166 15.58 -19.90 11.00
C ALA E 166 14.68 -21.06 11.40
N THR E 167 15.19 -22.00 12.19
CA THR E 167 14.49 -23.27 12.36
C THR E 167 13.17 -23.08 13.10
N TRP E 168 13.11 -22.09 13.99
CA TRP E 168 11.88 -21.84 14.76
C TRP E 168 10.69 -21.40 13.88
N LEU E 169 10.98 -20.97 12.65
CA LEU E 169 9.87 -20.58 11.75
C LEU E 169 8.96 -21.77 11.44
N VAL E 170 9.54 -22.97 11.42
CA VAL E 170 8.85 -24.15 10.90
C VAL E 170 8.75 -25.36 11.83
N LEU E 171 9.67 -25.49 12.79
CA LEU E 171 9.83 -26.73 13.55
C LEU E 171 8.85 -26.87 14.72
N GLU E 172 8.37 -28.10 14.94
CA GLU E 172 7.47 -28.39 16.04
C GLU E 172 8.01 -28.04 17.43
N ASP E 173 9.32 -28.25 17.67
CA ASP E 173 9.93 -27.89 18.96
C ASP E 173 9.67 -26.42 19.31
N PHE E 174 9.39 -25.58 18.29
CA PHE E 174 9.23 -24.13 18.50
C PHE E 174 7.80 -23.65 18.40
N ALA E 175 6.86 -24.60 18.36
CA ALA E 175 5.42 -24.23 18.29
C ALA E 175 4.98 -23.34 19.46
N LEU E 176 5.40 -23.69 20.68
CA LEU E 176 5.03 -22.91 21.86
C LEU E 176 5.69 -21.53 21.80
N LEU E 177 6.93 -21.49 21.34
CA LEU E 177 7.64 -20.22 21.19
C LEU E 177 6.90 -19.29 20.21
N ARG E 178 6.50 -19.83 19.05
CA ARG E 178 5.76 -19.02 18.05
C ARG E 178 4.44 -18.53 18.62
N GLU E 179 3.73 -19.39 19.35
CA GLU E 179 2.46 -18.99 19.97
C GLU E 179 2.67 -17.92 21.04
N PHE E 180 3.77 -18.04 21.80
CA PHE E 180 4.17 -17.08 22.82
C PHE E 180 4.44 -15.69 22.21
N LEU E 181 5.27 -15.63 21.17
CA LEU E 181 5.58 -14.38 20.48
C LEU E 181 4.32 -13.72 19.89
N ALA E 182 3.45 -14.53 19.28
CA ALA E 182 2.21 -14.03 18.69
C ALA E 182 1.31 -13.37 19.73
N ARG E 183 1.32 -13.94 20.94
CA ARG E 183 0.46 -13.54 22.06
C ARG E 183 1.02 -12.34 22.79
N GLU E 184 2.35 -12.22 22.82
CA GLU E 184 3.02 -11.22 23.67
C GLU E 184 3.26 -9.87 23.00
N GLY E 185 3.17 -9.81 21.69
CA GLY E 185 3.37 -8.54 20.97
C GLY E 185 3.38 -8.71 19.46
N LYS E 186 4.15 -7.85 18.79
CA LYS E 186 4.26 -7.88 17.32
C LYS E 186 5.66 -8.31 16.91
N THR E 187 5.72 -9.02 15.79
CA THR E 187 6.94 -9.71 15.38
C THR E 187 7.27 -9.40 13.90
N SER E 188 8.51 -9.01 13.63
CA SER E 188 9.04 -8.91 12.26
C SER E 188 10.19 -9.89 12.11
N VAL E 189 10.17 -10.69 11.05
CA VAL E 189 11.19 -11.70 10.77
C VAL E 189 11.86 -11.30 9.47
N TYR E 190 13.19 -11.21 9.51
CA TYR E 190 14.00 -10.82 8.35
C TYR E 190 14.90 -11.97 8.00
N TYR E 191 14.69 -12.55 6.82
CA TYR E 191 15.51 -13.68 6.41
C TYR E 191 16.88 -13.21 5.96
N LEU E 192 17.92 -13.78 6.57
CA LEU E 192 19.31 -13.56 6.15
C LEU E 192 19.93 -14.73 5.40
N GLY E 193 19.67 -15.94 5.89
CA GLY E 193 20.24 -17.16 5.32
C GLY E 193 21.60 -17.44 5.94
N GLU E 194 22.47 -18.10 5.18
CA GLU E 194 23.75 -18.57 5.69
C GLU E 194 24.79 -17.45 5.68
N VAL E 195 24.68 -16.55 6.66
CA VAL E 195 25.48 -15.32 6.75
C VAL E 195 26.66 -15.41 7.72
N PHE E 196 26.79 -16.54 8.41
CA PHE E 196 27.94 -16.76 9.29
C PHE E 196 28.98 -17.63 8.59
N PRO E 197 30.10 -17.02 8.15
CA PRO E 197 31.10 -17.79 7.40
C PRO E 197 31.54 -19.12 8.01
N GLN E 198 31.70 -19.20 9.32
CA GLN E 198 32.27 -20.43 9.90
C GLN E 198 31.19 -21.40 10.37
N LYS E 199 29.91 -21.02 10.24
CA LYS E 199 28.83 -21.78 10.88
C LYS E 199 27.75 -22.27 9.91
N LYS E 200 27.37 -23.53 10.06
CA LYS E 200 26.35 -24.14 9.24
C LYS E 200 24.98 -23.86 9.84
N VAL E 201 24.41 -22.71 9.48
CA VAL E 201 23.11 -22.31 10.00
C VAL E 201 22.51 -21.26 9.06
N SER E 202 21.21 -21.37 8.83
CA SER E 202 20.47 -20.37 8.07
C SER E 202 19.80 -19.47 9.11
N ALA E 203 20.07 -18.17 9.02
CA ALA E 203 19.72 -17.20 10.07
C ALA E 203 18.57 -16.26 9.72
N VAL E 204 17.87 -15.81 10.75
CA VAL E 204 16.92 -14.72 10.61
C VAL E 204 17.23 -13.71 11.69
N VAL E 205 16.82 -12.46 11.44
CA VAL E 205 16.71 -11.47 12.51
C VAL E 205 15.25 -11.42 12.91
N ILE E 206 15.00 -11.44 14.21
CA ILE E 206 13.68 -11.18 14.75
C ILE E 206 13.71 -9.81 15.43
N ARG E 207 12.81 -8.92 15.00
CA ARG E 207 12.52 -7.72 15.75
C ARG E 207 11.15 -7.90 16.39
N PHE E 208 11.12 -7.94 17.71
CA PHE E 208 9.88 -8.11 18.44
C PHE E 208 9.60 -6.89 19.31
N GLN E 209 8.36 -6.44 19.33
CA GLN E 209 7.94 -5.33 20.20
C GLN E 209 6.81 -5.77 21.13
N LYS E 210 6.97 -5.49 22.41
CA LYS E 210 6.05 -5.98 23.44
C LYS E 210 4.80 -5.11 23.53
N SER E 211 4.09 -5.04 22.40
CA SER E 211 2.88 -4.27 22.22
C SER E 211 2.33 -4.65 20.84
N GLY E 212 1.05 -4.38 20.61
CA GLY E 212 0.44 -4.70 19.32
C GLY E 212 0.38 -6.19 19.04
N LYS E 213 0.24 -6.55 17.77
CA LYS E 213 0.08 -7.96 17.38
C LYS E 213 0.45 -8.13 15.91
N GLY E 214 0.55 -9.38 15.46
CA GLY E 214 0.80 -9.63 14.05
C GLY E 214 2.23 -10.01 13.72
N LEU E 215 2.40 -10.50 12.51
CA LEU E 215 3.69 -10.91 11.96
C LEU E 215 3.90 -10.20 10.65
N SER E 216 5.13 -9.71 10.45
CA SER E 216 5.57 -9.24 9.15
C SER E 216 6.78 -10.05 8.74
N LEU E 217 6.75 -10.59 7.52
CA LEU E 217 7.87 -11.38 7.00
C LEU E 217 8.60 -10.60 5.93
N TRP E 218 9.93 -10.54 6.06
CA TRP E 218 10.77 -9.76 5.17
C TRP E 218 11.91 -10.58 4.59
N ASP E 219 12.20 -10.37 3.31
CA ASP E 219 13.41 -10.87 2.71
C ASP E 219 14.48 -9.77 2.93
N THR E 220 15.72 -10.08 2.58
CA THR E 220 16.75 -9.03 2.59
C THR E 220 17.57 -9.15 1.34
N GLN E 221 18.22 -8.04 0.97
CA GLN E 221 19.26 -8.06 -0.05
C GLN E 221 20.49 -7.43 0.56
N GLU E 222 21.64 -8.02 0.30
CA GLU E 222 22.86 -7.51 0.89
C GLU E 222 23.64 -6.76 -0.16
N SER E 223 24.21 -5.64 0.25
CA SER E 223 25.06 -4.89 -0.65
C SER E 223 26.32 -4.47 0.10
N GLU E 224 27.17 -3.70 -0.58
CA GLU E 224 28.33 -3.05 0.02
C GLU E 224 27.91 -2.30 1.29
N SER E 225 26.79 -1.58 1.20
CA SER E 225 26.31 -0.69 2.26
C SER E 225 25.52 -1.38 3.39
N GLY E 226 25.42 -2.71 3.35
CA GLY E 226 24.72 -3.49 4.40
C GLY E 226 23.46 -4.20 3.89
N PHE E 227 22.62 -4.71 4.81
CA PHE E 227 21.36 -5.37 4.42
C PHE E 227 20.20 -4.40 4.25
N THR E 228 19.41 -4.63 3.21
CA THR E 228 18.19 -3.87 2.96
C THR E 228 16.98 -4.80 3.06
N PRO E 229 16.03 -4.50 3.95
CA PRO E 229 14.83 -5.34 4.09
C PRO E 229 13.86 -5.12 2.92
N ILE E 230 13.25 -6.21 2.46
CA ILE E 230 12.25 -6.20 1.39
C ILE E 230 11.01 -6.85 1.96
N LEU E 231 9.91 -6.09 2.06
CA LEU E 231 8.70 -6.67 2.62
C LEU E 231 8.16 -7.81 1.76
N TRP E 232 7.93 -8.97 2.37
CA TRP E 232 7.43 -10.14 1.65
C TRP E 232 5.94 -10.42 1.89
N ALA E 233 5.53 -10.50 3.15
CA ALA E 233 4.12 -10.71 3.46
C ALA E 233 3.79 -10.22 4.85
N GLU E 234 2.49 -10.00 5.08
CA GLU E 234 2.00 -9.58 6.40
C GLU E 234 0.86 -10.49 6.82
N TYR E 235 0.92 -10.88 8.10
CA TYR E 235 -0.07 -11.73 8.74
C TYR E 235 -0.56 -11.05 10.02
N PRO E 236 -1.48 -10.07 9.87
CA PRO E 236 -1.90 -9.25 11.02
C PRO E 236 -2.58 -10.01 12.16
N HIS E 237 -3.07 -11.21 11.89
CA HIS E 237 -3.73 -12.06 12.88
C HIS E 237 -2.97 -13.34 13.21
N TRP E 238 -1.66 -13.35 12.91
CA TRP E 238 -0.79 -14.47 13.26
C TRP E 238 -1.01 -14.93 14.68
N GLU E 239 -1.14 -16.25 14.86
CA GLU E 239 -1.35 -16.82 16.19
C GLU E 239 -0.27 -17.85 16.52
N GLY E 240 0.83 -17.82 15.75
CA GLY E 240 1.93 -18.74 15.97
C GLY E 240 2.01 -19.88 14.97
N GLU E 241 1.26 -19.76 13.88
CA GLU E 241 1.32 -20.74 12.78
C GLU E 241 2.74 -20.77 12.21
N ILE E 242 3.13 -21.90 11.63
CA ILE E 242 4.36 -21.99 10.86
C ILE E 242 4.49 -20.82 9.89
N ILE E 243 5.72 -20.29 9.80
CA ILE E 243 6.04 -19.16 8.95
C ILE E 243 6.70 -19.65 7.66
N ARG E 244 6.16 -19.22 6.52
CA ARG E 244 6.63 -19.69 5.22
C ARG E 244 6.67 -18.51 4.26
N PHE E 245 7.49 -18.63 3.21
CA PHE E 245 7.51 -17.63 2.12
C PHE E 245 6.46 -18.03 1.07
N GLU E 246 5.25 -17.50 1.22
CA GLU E 246 4.16 -17.86 0.31
C GLU E 246 4.15 -16.91 -0.88
N THR E 247 3.63 -17.41 -2.01
CA THR E 247 3.48 -16.59 -3.22
C THR E 247 2.13 -16.93 -3.86
N GLU E 248 1.76 -16.15 -4.86
CA GLU E 248 0.54 -16.42 -5.63
C GLU E 248 0.56 -17.86 -6.16
N GLU E 249 1.74 -18.32 -6.59
CA GLU E 249 1.91 -19.69 -7.13
C GLU E 249 1.77 -20.78 -6.07
N THR E 250 2.42 -20.61 -4.92
CA THR E 250 2.30 -21.61 -3.83
C THR E 250 0.83 -21.75 -3.42
N ARG E 251 0.14 -20.61 -3.29
CA ARG E 251 -1.27 -20.62 -2.94
C ARG E 251 -2.09 -21.36 -4.01
N LYS E 252 -1.80 -21.06 -5.27
CA LYS E 252 -2.52 -21.63 -6.39
C LYS E 252 -2.37 -23.15 -6.44
N LEU E 253 -1.16 -23.63 -6.17
CA LEU E 253 -0.92 -25.07 -6.18
C LEU E 253 -1.57 -25.74 -4.96
N GLU E 254 -1.49 -25.10 -3.79
CA GLU E 254 -2.09 -25.70 -2.59
C GLU E 254 -3.59 -25.91 -2.72
N ILE E 255 -4.30 -25.00 -3.39
CA ILE E 255 -5.73 -25.22 -3.52
C ILE E 255 -6.14 -26.13 -4.69
N SER E 256 -5.16 -26.58 -5.47
CA SER E 256 -5.39 -27.45 -6.64
C SER E 256 -5.59 -28.94 -6.31
N GLY E 257 -5.26 -29.34 -5.08
CA GLY E 257 -5.33 -30.76 -4.72
C GLY E 257 -5.51 -31.00 -3.25
N MET E 258 -5.74 -32.25 -2.89
CA MET E 258 -5.88 -32.68 -1.49
C MET E 258 -4.51 -32.58 -0.83
N PRO E 259 -4.42 -32.10 0.44
CA PRO E 259 -3.13 -32.24 1.14
C PRO E 259 -2.76 -33.72 1.25
N LEU E 260 -1.47 -34.01 1.07
CA LEU E 260 -0.97 -35.38 1.07
C LEU E 260 -1.36 -36.08 2.37
N GLY E 261 -1.33 -35.32 3.47
CA GLY E 261 -1.67 -35.82 4.80
C GLY E 261 -3.11 -36.25 5.00
N ASP E 262 -4.00 -35.81 4.09
CA ASP E 262 -5.39 -36.28 4.07
C ASP E 262 -5.55 -37.61 3.33
N LEU E 263 -4.52 -38.01 2.58
CA LEU E 263 -4.55 -39.25 1.80
C LEU E 263 -3.79 -40.39 2.49
N PHE E 264 -2.80 -40.01 3.30
CA PHE E 264 -1.89 -40.97 3.91
C PHE E 264 -1.71 -40.77 5.39
N HIS E 265 -1.63 -41.88 6.12
CA HIS E 265 -1.05 -41.86 7.45
C HIS E 265 0.44 -41.70 7.19
N ILE E 266 1.08 -40.82 7.96
CA ILE E 266 2.53 -40.64 7.79
C ILE E 266 3.25 -41.09 9.06
N ARG E 267 4.16 -42.04 8.87
CA ARG E 267 4.90 -42.60 9.98
C ARG E 267 6.39 -42.43 9.69
N PHE E 268 7.22 -42.59 10.72
CA PHE E 268 8.65 -42.51 10.53
C PHE E 268 9.26 -43.90 10.72
N ALA E 269 10.44 -44.11 10.16
CA ALA E 269 11.17 -45.35 10.37
C ALA E 269 11.45 -45.64 11.85
N ALA E 270 11.55 -46.93 12.20
CA ALA E 270 12.14 -47.36 13.46
C ALA E 270 13.55 -46.76 13.54
N ARG E 271 13.99 -46.41 14.74
CA ARG E 271 15.28 -45.72 14.89
C ARG E 271 16.44 -46.68 15.06
N SER E 272 17.65 -46.19 14.79
CA SER E 272 18.85 -47.06 14.86
C SER E 272 18.97 -47.97 16.10
N PRO E 273 18.72 -47.45 17.34
CA PRO E 273 18.89 -48.32 18.51
C PRO E 273 17.91 -49.48 18.53
N GLU E 274 16.71 -49.30 17.98
CA GLU E 274 15.71 -50.38 17.92
C GLU E 274 16.22 -51.54 17.07
N PHE E 275 16.86 -51.23 15.95
CA PHE E 275 17.45 -52.29 15.12
C PHE E 275 18.65 -52.92 15.81
N LYS E 276 19.52 -52.07 16.37
CA LYS E 276 20.78 -52.54 16.96
C LYS E 276 20.58 -53.58 18.06
N LYS E 277 19.49 -53.49 18.81
CA LYS E 277 19.24 -54.48 19.87
C LYS E 277 18.35 -55.64 19.43
N HIS E 278 17.79 -55.58 18.24
CA HIS E 278 16.84 -56.60 17.82
C HIS E 278 17.59 -57.91 17.49
N PRO E 279 17.12 -59.05 18.07
CA PRO E 279 17.86 -60.33 17.92
C PRO E 279 18.04 -60.83 16.49
N ALA E 280 17.16 -60.39 15.59
CA ALA E 280 17.25 -60.75 14.17
C ALA E 280 18.33 -59.98 13.39
N VAL E 281 18.77 -58.86 13.94
CA VAL E 281 19.67 -57.95 13.24
C VAL E 281 21.11 -58.39 13.38
N ARG E 282 21.86 -58.32 12.28
CA ARG E 282 23.28 -58.69 12.25
C ARG E 282 24.14 -57.54 11.71
N LYS E 283 25.44 -57.60 11.98
CA LYS E 283 26.36 -56.55 11.58
C LYS E 283 27.16 -56.96 10.34
N GLU E 284 26.79 -58.10 9.77
CA GLU E 284 27.48 -58.64 8.62
C GLU E 284 26.45 -59.25 7.69
N PRO E 285 26.70 -59.19 6.37
CA PRO E 285 25.79 -59.79 5.40
C PRO E 285 25.75 -61.31 5.55
N GLY E 286 24.69 -61.93 5.03
CA GLY E 286 24.55 -63.37 5.15
C GLY E 286 23.37 -63.92 4.39
N PRO E 287 23.28 -65.27 4.30
CA PRO E 287 22.17 -65.89 3.59
C PRO E 287 20.83 -65.44 4.17
N GLY E 288 19.94 -65.00 3.29
CA GLY E 288 18.60 -64.59 3.70
C GLY E 288 18.53 -63.21 4.34
N LEU E 289 19.67 -62.54 4.48
CA LEU E 289 19.73 -61.20 5.10
C LEU E 289 19.72 -60.11 4.04
N VAL E 290 19.03 -58.98 4.32
CA VAL E 290 19.04 -57.82 3.43
C VAL E 290 19.51 -56.61 4.24
N PRO E 291 19.99 -55.54 3.56
CA PRO E 291 20.35 -54.36 4.33
C PRO E 291 19.16 -53.65 4.97
N VAL E 292 19.40 -53.11 6.16
CA VAL E 292 18.50 -52.14 6.75
C VAL E 292 18.81 -50.83 6.04
N LEU E 293 17.80 -50.32 5.34
CA LEU E 293 18.00 -49.19 4.43
C LEU E 293 18.03 -47.85 5.17
N THR E 294 18.76 -46.89 4.61
CA THR E 294 18.77 -45.52 5.15
C THR E 294 18.36 -44.57 4.04
N GLY E 295 18.44 -43.27 4.29
CA GLY E 295 18.21 -42.25 3.27
C GLY E 295 19.08 -42.39 2.04
N ARG E 296 20.27 -42.94 2.22
CA ARG E 296 21.19 -43.15 1.09
C ARG E 296 20.66 -44.18 0.10
N ASN E 297 19.75 -45.05 0.54
CA ASN E 297 19.15 -46.04 -0.33
C ASN E 297 17.97 -45.50 -1.15
N LEU E 298 17.50 -44.32 -0.77
CA LEU E 298 16.33 -43.73 -1.39
C LEU E 298 16.71 -42.73 -2.48
N LYS E 299 16.31 -43.04 -3.69
CA LYS E 299 16.60 -42.20 -4.86
C LYS E 299 15.29 -41.69 -5.45
N PRO E 300 15.36 -40.65 -6.31
CA PRO E 300 14.08 -40.24 -6.89
C PRO E 300 13.53 -41.32 -7.82
N GLY E 301 12.42 -41.92 -7.41
CA GLY E 301 11.71 -42.96 -8.15
C GLY E 301 12.28 -44.36 -8.09
N TRP E 302 13.27 -44.59 -7.23
CA TRP E 302 13.75 -45.95 -7.04
C TRP E 302 14.51 -46.13 -5.73
N VAL E 303 14.66 -47.40 -5.37
CA VAL E 303 15.32 -47.79 -4.13
C VAL E 303 16.51 -48.67 -4.46
N ASP E 304 17.67 -48.34 -3.93
CA ASP E 304 18.88 -49.15 -4.06
C ASP E 304 18.84 -50.19 -2.94
N TYR E 305 18.38 -51.39 -3.28
CA TYR E 305 18.20 -52.43 -2.27
C TYR E 305 19.50 -53.15 -1.86
N GLU E 306 20.58 -52.92 -2.59
CA GLU E 306 21.77 -53.75 -2.43
C GLU E 306 22.82 -53.14 -1.53
N LYS E 307 22.95 -51.82 -1.57
CA LYS E 307 24.04 -51.15 -0.86
C LYS E 307 23.72 -50.99 0.59
N ASN E 308 24.69 -51.27 1.44
CA ASN E 308 24.47 -51.13 2.85
C ASN E 308 25.13 -49.87 3.39
N HIS E 309 24.33 -48.98 3.97
CA HIS E 309 24.82 -47.75 4.58
C HIS E 309 24.61 -47.67 6.08
N SER E 310 23.92 -48.65 6.65
CA SER E 310 23.58 -48.66 8.07
C SER E 310 24.51 -49.53 8.91
N GLY E 311 25.19 -50.48 8.28
CA GLY E 311 26.01 -51.44 9.00
C GLY E 311 25.18 -52.58 9.55
N LEU E 312 23.89 -52.60 9.21
CA LEU E 312 22.92 -53.56 9.76
C LEU E 312 22.23 -54.36 8.65
N TRP E 313 22.00 -55.64 8.95
CA TRP E 313 21.40 -56.60 8.05
C TRP E 313 20.39 -57.41 8.83
N MET E 314 19.30 -57.81 8.15
CA MET E 314 18.31 -58.67 8.81
C MET E 314 17.44 -59.41 7.80
N PRO E 315 16.75 -60.46 8.26
CA PRO E 315 15.81 -61.09 7.33
C PRO E 315 14.67 -60.10 7.01
N LYS E 316 14.40 -59.91 5.72
CA LYS E 316 13.33 -59.03 5.27
C LYS E 316 12.01 -59.32 5.99
N GLU E 317 11.67 -60.61 6.15
CA GLU E 317 10.37 -61.00 6.71
C GLU E 317 10.20 -60.62 8.19
N ARG E 318 11.31 -60.36 8.87
CA ARG E 318 11.25 -60.03 10.29
C ARG E 318 11.16 -58.51 10.52
N ALA E 319 11.22 -57.74 9.43
CA ALA E 319 11.15 -56.28 9.51
C ALA E 319 9.86 -55.84 10.22
N LYS E 320 8.77 -56.58 9.96
CA LYS E 320 7.47 -56.23 10.57
C LYS E 320 7.44 -56.25 12.10
N GLU E 321 8.43 -56.90 12.72
CA GLU E 321 8.53 -56.94 14.17
C GLU E 321 8.93 -55.57 14.72
N LEU E 322 9.59 -54.75 13.89
CA LEU E 322 9.93 -53.38 14.30
C LEU E 322 8.81 -52.39 13.98
N ARG E 323 8.30 -52.44 12.74
CA ARG E 323 7.08 -51.70 12.40
C ARG E 323 6.21 -52.57 11.50
N ASP E 324 4.94 -52.69 11.86
CA ASP E 324 4.02 -53.53 11.10
C ASP E 324 3.98 -53.21 9.60
N PHE E 325 4.12 -51.93 9.27
CA PHE E 325 4.03 -51.49 7.87
C PHE E 325 5.21 -51.83 6.98
N TYR E 326 6.29 -52.37 7.54
CA TYR E 326 7.41 -52.83 6.73
C TYR E 326 7.06 -54.11 5.94
N ALA E 327 5.94 -54.73 6.29
CA ALA E 327 5.49 -55.97 5.64
C ALA E 327 4.80 -55.68 4.31
N THR E 328 4.44 -54.41 4.09
CA THR E 328 3.56 -53.99 2.99
C THR E 328 4.29 -53.02 2.04
N PRO E 329 4.27 -53.27 0.71
CA PRO E 329 4.82 -52.27 -0.22
C PRO E 329 4.13 -50.92 -0.01
N HIS E 330 4.93 -49.85 -0.01
CA HIS E 330 4.38 -48.55 0.30
C HIS E 330 5.30 -47.40 -0.15
N LEU E 331 4.73 -46.20 -0.09
CA LEU E 331 5.42 -44.98 -0.48
C LEU E 331 6.37 -44.52 0.62
N VAL E 332 7.59 -44.22 0.21
CA VAL E 332 8.65 -43.70 1.10
C VAL E 332 9.09 -42.31 0.59
N VAL E 333 9.19 -41.35 1.50
CA VAL E 333 9.63 -39.98 1.14
C VAL E 333 10.80 -39.59 2.03
N ALA E 334 11.80 -38.93 1.43
CA ALA E 334 13.05 -38.58 2.10
C ALA E 334 12.89 -37.50 3.18
N HIS E 335 13.71 -37.61 4.22
CA HIS E 335 13.74 -36.60 5.30
C HIS E 335 14.99 -35.74 5.31
N THR E 336 16.11 -36.27 4.81
CA THR E 336 17.40 -35.57 4.97
C THR E 336 18.14 -35.46 3.62
N LYS E 337 17.44 -34.85 2.67
CA LYS E 337 18.02 -34.48 1.39
C LYS E 337 17.87 -33.00 1.14
N GLY E 338 17.75 -32.22 2.22
CA GLY E 338 17.49 -30.79 2.12
C GLY E 338 16.03 -30.48 1.81
N THR E 339 15.78 -29.27 1.33
CA THR E 339 14.43 -28.81 0.98
C THR E 339 14.08 -29.33 -0.39
N ARG E 340 13.65 -30.58 -0.42
CA ARG E 340 13.42 -31.32 -1.63
C ARG E 340 12.36 -32.34 -1.27
N VAL E 341 11.62 -32.80 -2.28
CA VAL E 341 10.71 -33.93 -2.13
C VAL E 341 11.25 -35.03 -3.00
N VAL E 342 11.73 -36.09 -2.34
CA VAL E 342 12.29 -37.26 -3.05
C VAL E 342 11.49 -38.46 -2.60
N ALA E 343 10.88 -39.18 -3.54
CA ALA E 343 9.97 -40.26 -3.21
C ALA E 343 10.20 -41.50 -4.06
N ALA E 344 9.88 -42.66 -3.50
CA ALA E 344 9.93 -43.91 -4.26
C ALA E 344 8.94 -44.89 -3.65
N TRP E 345 8.48 -45.82 -4.49
CA TRP E 345 7.60 -46.87 -4.02
C TRP E 345 8.52 -48.02 -3.63
N ASP E 346 8.45 -48.41 -2.36
CA ASP E 346 9.19 -49.58 -1.90
C ASP E 346 8.40 -50.84 -2.27
N GLU E 347 8.71 -51.38 -3.45
CA GLU E 347 7.98 -52.51 -4.00
C GLU E 347 8.24 -53.81 -3.22
N ARG E 348 9.44 -53.91 -2.65
CA ARG E 348 9.90 -55.15 -2.01
C ARG E 348 9.49 -55.24 -0.55
N ALA E 349 9.25 -54.08 0.08
CA ALA E 349 8.86 -53.97 1.49
C ALA E 349 10.03 -54.38 2.41
N TYR E 350 11.02 -53.50 2.48
CA TYR E 350 12.24 -53.75 3.23
C TYR E 350 12.24 -53.05 4.59
N PRO E 351 13.18 -53.45 5.46
CA PRO E 351 13.37 -52.70 6.69
C PRO E 351 14.08 -51.38 6.40
N TRP E 352 13.59 -50.29 6.98
CA TRP E 352 14.22 -48.99 6.86
C TRP E 352 14.58 -48.45 8.23
N ARG E 353 15.74 -47.81 8.30
CA ARG E 353 16.20 -47.13 9.52
C ARG E 353 15.93 -45.62 9.45
N GLU E 354 15.51 -45.14 8.27
CA GLU E 354 15.23 -43.71 8.08
C GLU E 354 14.02 -43.52 7.15
N GLU E 355 13.60 -42.25 7.07
CA GLU E 355 12.59 -41.72 6.13
C GLU E 355 11.15 -41.82 6.60
N PHE E 356 10.27 -41.07 5.92
CA PHE E 356 8.83 -41.16 6.10
C PHE E 356 8.23 -42.32 5.32
N HIS E 357 7.23 -42.92 5.94
CA HIS E 357 6.56 -44.11 5.41
C HIS E 357 5.07 -43.80 5.41
N LEU E 358 4.51 -43.73 4.20
CA LEU E 358 3.16 -43.25 3.98
C LEU E 358 2.27 -44.43 3.63
N LEU E 359 1.23 -44.58 4.45
CA LEU E 359 0.27 -45.66 4.30
C LEU E 359 -1.10 -45.04 3.96
N PRO E 360 -1.70 -45.46 2.83
CA PRO E 360 -2.94 -44.82 2.37
C PRO E 360 -4.07 -45.04 3.36
N LYS E 361 -4.87 -44.00 3.57
CA LYS E 361 -6.00 -44.08 4.48
C LYS E 361 -7.12 -44.92 3.86
N GLU E 362 -8.02 -45.42 4.69
CA GLU E 362 -9.15 -46.22 4.22
C GLU E 362 -9.91 -45.45 3.14
N GLY E 363 -10.21 -46.10 2.02
CA GLY E 363 -10.96 -45.48 0.93
C GLY E 363 -10.14 -44.69 -0.08
N VAL E 364 -8.83 -44.64 0.13
CA VAL E 364 -7.95 -43.90 -0.79
C VAL E 364 -7.51 -44.79 -1.95
N ARG E 365 -7.74 -44.29 -3.15
CA ARG E 365 -7.25 -44.91 -4.39
C ARG E 365 -5.99 -44.17 -4.85
N LEU E 366 -4.95 -44.92 -5.20
CA LEU E 366 -3.70 -44.30 -5.66
C LEU E 366 -3.19 -44.89 -6.97
N ASP E 367 -2.47 -44.06 -7.74
CA ASP E 367 -1.68 -44.50 -8.87
C ASP E 367 -0.23 -44.29 -8.43
N PRO E 368 0.38 -45.30 -7.79
CA PRO E 368 1.72 -45.11 -7.23
C PRO E 368 2.75 -44.52 -8.20
N SER E 369 2.88 -45.06 -9.40
CA SER E 369 3.90 -44.58 -10.32
C SER E 369 3.72 -43.09 -10.68
N SER E 370 2.47 -42.69 -10.94
CA SER E 370 2.13 -41.29 -11.24
C SER E 370 2.35 -40.37 -10.04
N LEU E 371 1.97 -40.85 -8.86
CA LEU E 371 2.14 -40.04 -7.65
C LEU E 371 3.64 -39.82 -7.37
N VAL E 372 4.42 -40.89 -7.48
CA VAL E 372 5.85 -40.78 -7.31
C VAL E 372 6.44 -39.79 -8.31
N GLN E 373 5.95 -39.87 -9.56
CA GLN E 373 6.37 -38.92 -10.59
C GLN E 373 6.10 -37.47 -10.16
N TRP E 374 4.88 -37.22 -9.70
CA TRP E 374 4.48 -35.88 -9.26
C TRP E 374 5.32 -35.38 -8.08
N LEU E 375 5.48 -36.23 -7.06
CA LEU E 375 6.32 -35.87 -5.91
C LEU E 375 7.76 -35.51 -6.27
N ASN E 376 8.31 -36.19 -7.27
CA ASN E 376 9.70 -35.96 -7.69
C ASN E 376 9.83 -34.85 -8.74
N SER E 377 8.71 -34.25 -9.12
CA SER E 377 8.66 -33.34 -10.27
C SER E 377 9.33 -32.01 -9.94
N GLU E 378 9.76 -31.30 -10.98
CA GLU E 378 10.41 -29.99 -10.82
C GLU E 378 9.45 -29.00 -10.15
N ALA E 379 8.18 -29.05 -10.54
CA ALA E 379 7.15 -28.20 -9.98
C ALA E 379 7.10 -28.35 -8.46
N MET E 380 7.18 -29.60 -7.99
CA MET E 380 7.17 -29.88 -6.55
C MET E 380 8.41 -29.35 -5.81
N GLN E 381 9.59 -29.47 -6.43
CA GLN E 381 10.85 -29.01 -5.85
C GLN E 381 10.83 -27.50 -5.70
N LYS E 382 10.36 -26.81 -6.75
CA LYS E 382 10.28 -25.34 -6.70
C LYS E 382 9.28 -24.91 -5.62
N HIS E 383 8.16 -25.63 -5.49
CA HIS E 383 7.13 -25.35 -4.46
C HIS E 383 7.72 -25.34 -3.02
N VAL E 384 8.41 -26.43 -2.66
CA VAL E 384 8.97 -26.52 -1.32
C VAL E 384 10.14 -25.55 -1.10
N ARG E 385 10.95 -25.33 -2.14
CA ARG E 385 12.05 -24.37 -2.01
C ARG E 385 11.56 -22.93 -1.83
N THR E 386 10.47 -22.59 -2.53
CA THR E 386 9.88 -21.27 -2.33
C THR E 386 9.42 -21.10 -0.89
N LEU E 387 8.61 -22.07 -0.40
CA LEU E 387 7.99 -21.95 0.91
C LEU E 387 8.96 -21.94 2.09
N TYR E 388 9.95 -22.82 2.02
CA TYR E 388 10.75 -23.17 3.19
C TYR E 388 12.24 -22.85 3.04
N ARG E 389 12.63 -22.40 1.84
CA ARG E 389 14.01 -22.05 1.54
C ARG E 389 14.99 -23.09 2.12
N ASP E 390 15.92 -22.62 2.95
CA ASP E 390 16.94 -23.48 3.57
C ASP E 390 16.88 -23.41 5.11
N PHE E 391 15.69 -23.21 5.67
CA PHE E 391 15.55 -23.00 7.13
C PHE E 391 16.15 -24.20 7.86
N VAL E 392 15.82 -25.39 7.35
CA VAL E 392 16.27 -26.64 7.96
C VAL E 392 16.76 -27.58 6.87
N PRO E 393 17.71 -28.48 7.20
CA PRO E 393 18.26 -29.40 6.19
C PRO E 393 17.36 -30.62 5.92
N HIS E 394 16.05 -30.46 6.03
CA HIS E 394 15.10 -31.57 5.93
C HIS E 394 13.83 -31.17 5.21
N LEU E 395 13.12 -32.17 4.67
CA LEU E 395 11.68 -32.04 4.47
C LEU E 395 11.07 -32.58 5.78
N THR E 396 10.32 -31.74 6.49
CA THR E 396 9.75 -32.18 7.77
C THR E 396 8.32 -32.67 7.57
N LEU E 397 7.76 -33.32 8.58
CA LEU E 397 6.38 -33.80 8.51
C LEU E 397 5.39 -32.69 8.20
N ARG E 398 5.59 -31.53 8.85
CA ARG E 398 4.66 -30.42 8.66
C ARG E 398 4.69 -29.88 7.25
N MET E 399 5.82 -29.99 6.57
CA MET E 399 5.92 -29.65 5.15
C MET E 399 5.24 -30.72 4.30
N LEU E 400 5.61 -31.97 4.56
CA LEU E 400 5.17 -33.11 3.76
C LEU E 400 3.64 -33.28 3.76
N GLU E 401 3.02 -33.13 4.92
CA GLU E 401 1.59 -33.39 5.02
C GLU E 401 0.76 -32.36 4.22
N ARG E 402 1.35 -31.19 3.95
CA ARG E 402 0.68 -30.14 3.17
C ARG E 402 0.93 -30.18 1.66
N LEU E 403 1.72 -31.15 1.17
CA LEU E 403 1.98 -31.22 -0.28
C LEU E 403 0.69 -31.50 -1.04
N PRO E 404 0.40 -30.72 -2.12
CA PRO E 404 -0.87 -30.91 -2.82
C PRO E 404 -0.84 -32.06 -3.84
N VAL E 405 -1.92 -32.86 -3.84
CA VAL E 405 -2.06 -34.02 -4.71
C VAL E 405 -3.45 -33.99 -5.39
N ARG E 406 -3.45 -33.82 -6.71
CA ARG E 406 -4.70 -33.78 -7.49
C ARG E 406 -5.17 -35.18 -7.90
N ARG E 407 -6.33 -35.23 -8.55
CA ARG E 407 -7.05 -36.50 -8.77
C ARG E 407 -6.38 -37.47 -9.73
N GLU E 408 -5.45 -36.97 -10.54
CA GLU E 408 -4.64 -37.82 -11.42
C GLU E 408 -3.88 -38.88 -10.62
N TYR E 409 -3.47 -38.50 -9.39
CA TYR E 409 -2.49 -39.28 -8.62
C TYR E 409 -3.12 -40.03 -7.46
N GLY E 410 -4.12 -39.42 -6.85
CA GLY E 410 -4.74 -39.97 -5.66
C GLY E 410 -6.16 -39.45 -5.55
N PHE E 411 -7.00 -40.24 -4.91
CA PHE E 411 -8.41 -39.92 -4.81
C PHE E 411 -9.01 -40.54 -3.55
N HIS E 412 -9.56 -39.70 -2.69
CA HIS E 412 -10.23 -40.17 -1.47
C HIS E 412 -11.72 -40.41 -1.72
N THR E 413 -12.14 -41.67 -1.67
CA THR E 413 -13.55 -42.01 -1.91
C THR E 413 -14.40 -41.86 -0.67
N VAL F 21 -33.62 21.15 -19.76
CA VAL F 21 -32.97 22.09 -18.79
C VAL F 21 -33.64 23.47 -18.83
N GLU F 22 -34.09 23.95 -17.66
CA GLU F 22 -34.58 25.31 -17.51
C GLU F 22 -33.89 26.09 -16.39
N THR F 23 -33.81 27.39 -16.60
CA THR F 23 -33.21 28.30 -15.62
C THR F 23 -34.31 28.69 -14.64
N PRO F 24 -34.01 28.66 -13.32
CA PRO F 24 -35.04 29.11 -12.36
C PRO F 24 -35.49 30.56 -12.63
N PRO F 25 -36.79 30.85 -12.51
CA PRO F 25 -37.33 32.21 -12.68
C PRO F 25 -36.51 33.30 -11.98
N GLU F 26 -36.11 33.06 -10.73
CA GLU F 26 -35.33 34.05 -9.95
C GLU F 26 -33.99 34.39 -10.62
N VAL F 27 -33.38 33.38 -11.24
CA VAL F 27 -32.12 33.56 -11.94
C VAL F 27 -32.36 34.36 -13.22
N VAL F 28 -33.40 33.97 -13.96
CA VAL F 28 -33.77 34.69 -15.19
C VAL F 28 -34.01 36.18 -14.87
N ASP F 29 -34.80 36.45 -13.83
CA ASP F 29 -35.14 37.82 -13.47
C ASP F 29 -33.90 38.65 -13.10
N PHE F 30 -32.98 38.06 -12.33
CA PHE F 30 -31.72 38.72 -12.02
C PHE F 30 -30.91 39.02 -13.29
N MET F 31 -30.78 38.03 -14.18
CA MET F 31 -30.03 38.23 -15.42
C MET F 31 -30.62 39.32 -16.31
N VAL F 32 -31.94 39.31 -16.45
CA VAL F 32 -32.66 40.33 -17.23
C VAL F 32 -32.41 41.73 -16.65
N SER F 33 -32.34 41.83 -15.32
CA SER F 33 -31.97 43.09 -14.65
C SER F 33 -30.57 43.66 -14.97
N LEU F 34 -29.63 42.79 -15.34
CA LEU F 34 -28.27 43.15 -15.69
C LEU F 34 -28.13 43.45 -17.19
N ALA F 35 -29.12 42.98 -17.94
CA ALA F 35 -29.11 43.08 -19.40
C ALA F 35 -29.52 44.46 -19.86
N GLU F 36 -28.88 44.92 -20.92
CA GLU F 36 -29.35 46.14 -21.56
C GLU F 36 -29.07 46.07 -23.05
N ALA F 37 -29.82 46.86 -23.79
CA ALA F 37 -29.64 46.96 -25.21
C ALA F 37 -30.19 48.32 -25.62
N PRO F 38 -29.61 48.90 -26.68
CA PRO F 38 -30.18 50.17 -27.17
C PRO F 38 -31.55 49.90 -27.78
N ARG F 39 -32.41 50.92 -27.90
CA ARG F 39 -33.66 50.72 -28.61
C ARG F 39 -33.35 50.29 -30.05
N GLY F 40 -34.15 49.37 -30.58
CA GLY F 40 -33.89 48.74 -31.89
C GLY F 40 -32.77 47.72 -31.87
N GLY F 41 -32.17 47.52 -30.69
CA GLY F 41 -31.04 46.61 -30.53
C GLY F 41 -31.36 45.19 -30.95
N ARG F 42 -30.32 44.48 -31.33
CA ARG F 42 -30.45 43.08 -31.73
C ARG F 42 -30.16 42.24 -30.51
N VAL F 43 -31.13 41.41 -30.13
CA VAL F 43 -31.06 40.63 -28.88
C VAL F 43 -31.13 39.15 -29.24
N LEU F 44 -30.17 38.38 -28.73
CA LEU F 44 -30.04 36.95 -29.10
C LEU F 44 -30.04 36.04 -27.88
N GLU F 45 -30.80 34.97 -27.96
CA GLU F 45 -30.74 33.88 -26.96
C GLU F 45 -30.20 32.62 -27.63
N PRO F 46 -28.93 32.28 -27.35
CA PRO F 46 -28.39 31.03 -27.85
C PRO F 46 -28.97 29.84 -27.09
N ALA F 47 -29.04 28.69 -27.75
CA ALA F 47 -29.54 27.44 -27.13
C ALA F 47 -30.93 27.66 -26.54
N CYS F 48 -31.80 28.31 -27.32
CA CYS F 48 -32.98 28.98 -26.74
C CYS F 48 -34.16 28.09 -26.35
N ALA F 49 -34.29 26.93 -26.99
CA ALA F 49 -35.52 26.12 -26.88
C ALA F 49 -36.77 27.02 -27.11
N HIS F 50 -37.66 27.16 -26.13
CA HIS F 50 -38.85 28.04 -26.26
C HIS F 50 -38.58 29.53 -26.01
N GLY F 51 -37.34 29.89 -25.70
CA GLY F 51 -36.92 31.28 -25.58
C GLY F 51 -37.37 31.99 -24.29
N PRO F 52 -37.09 31.39 -23.12
CA PRO F 52 -37.51 32.04 -21.87
C PRO F 52 -36.81 33.37 -21.63
N PHE F 53 -35.57 33.52 -22.10
CA PHE F 53 -34.86 34.80 -21.91
C PHE F 53 -35.36 35.89 -22.85
N LEU F 54 -35.70 35.51 -24.08
CA LEU F 54 -36.29 36.49 -25.02
C LEU F 54 -37.64 37.01 -24.45
N ARG F 55 -38.44 36.06 -23.97
CA ARG F 55 -39.76 36.37 -23.37
C ARG F 55 -39.60 37.29 -22.17
N ALA F 56 -38.72 36.91 -21.24
CA ALA F 56 -38.52 37.73 -20.03
C ALA F 56 -37.96 39.12 -20.37
N PHE F 57 -37.07 39.20 -21.36
CA PHE F 57 -36.50 40.50 -21.73
C PHE F 57 -37.57 41.40 -22.32
N ARG F 58 -38.38 40.85 -23.22
CA ARG F 58 -39.48 41.63 -23.83
C ARG F 58 -40.52 42.07 -22.80
N GLU F 59 -40.83 41.21 -21.83
CA GLU F 59 -41.77 41.58 -20.78
C GLU F 59 -41.23 42.75 -19.95
N ALA F 60 -39.95 42.68 -19.61
CA ALA F 60 -39.34 43.68 -18.74
C ALA F 60 -39.02 45.01 -19.43
N HIS F 61 -38.59 44.94 -20.69
CA HIS F 61 -37.99 46.10 -21.35
C HIS F 61 -38.76 46.57 -22.58
N GLY F 62 -39.75 45.76 -22.99
CA GLY F 62 -40.65 46.13 -24.06
C GLY F 62 -40.31 45.55 -25.42
N THR F 63 -41.02 46.04 -26.44
CA THR F 63 -41.03 45.43 -27.77
C THR F 63 -40.09 46.06 -28.81
N ALA F 64 -39.43 47.16 -28.46
CA ALA F 64 -38.56 47.88 -29.40
C ALA F 64 -37.16 47.25 -29.60
N TYR F 65 -37.14 45.96 -29.94
CA TYR F 65 -35.88 45.24 -30.20
C TYR F 65 -36.13 44.19 -31.27
N ARG F 66 -35.05 43.73 -31.91
CA ARG F 66 -35.10 42.53 -32.73
C ARG F 66 -34.73 41.33 -31.86
N PHE F 67 -35.63 40.34 -31.79
CA PHE F 67 -35.41 39.14 -30.95
C PHE F 67 -35.08 37.93 -31.81
N VAL F 68 -33.98 37.26 -31.50
CA VAL F 68 -33.50 36.11 -32.28
C VAL F 68 -33.13 34.97 -31.31
N GLY F 69 -33.53 33.75 -31.63
CA GLY F 69 -33.13 32.56 -30.83
C GLY F 69 -32.50 31.54 -31.77
N VAL F 70 -31.45 30.86 -31.30
CA VAL F 70 -30.79 29.82 -32.09
C VAL F 70 -30.83 28.54 -31.27
N GLU F 71 -31.34 27.47 -31.89
CA GLU F 71 -31.52 26.19 -31.22
C GLU F 71 -31.20 25.06 -32.19
N ILE F 72 -30.53 24.02 -31.70
CA ILE F 72 -30.08 22.95 -32.57
C ILE F 72 -31.12 21.84 -32.79
N ASP F 73 -32.03 21.68 -31.84
CA ASP F 73 -32.99 20.58 -31.83
C ASP F 73 -34.35 21.07 -32.34
N PRO F 74 -34.84 20.52 -33.46
CA PRO F 74 -36.16 20.94 -34.02
C PRO F 74 -37.31 20.76 -33.02
N LYS F 75 -37.22 19.74 -32.17
CA LYS F 75 -38.25 19.46 -31.17
C LYS F 75 -38.28 20.54 -30.08
N ALA F 76 -37.15 21.22 -29.87
CA ALA F 76 -37.04 22.18 -28.75
C ALA F 76 -37.36 23.60 -29.16
N LEU F 77 -37.05 23.95 -30.41
CA LEU F 77 -37.26 25.32 -30.89
C LEU F 77 -38.75 25.64 -30.91
N ASP F 78 -39.17 26.64 -30.15
CA ASP F 78 -40.58 26.99 -30.14
C ASP F 78 -40.76 28.42 -29.65
N LEU F 79 -40.37 29.36 -30.52
CA LEU F 79 -40.34 30.77 -30.17
C LEU F 79 -41.67 31.43 -30.47
N PRO F 80 -41.98 32.56 -29.81
CA PRO F 80 -43.16 33.34 -30.21
C PRO F 80 -43.02 33.86 -31.64
N PRO F 81 -44.14 34.17 -32.31
CA PRO F 81 -44.10 34.71 -33.67
C PRO F 81 -43.33 36.03 -33.83
N TRP F 82 -43.12 36.76 -32.74
CA TRP F 82 -42.38 38.04 -32.79
C TRP F 82 -40.84 37.86 -32.75
N ALA F 83 -40.37 36.61 -32.59
CA ALA F 83 -38.92 36.37 -32.62
C ALA F 83 -38.52 35.58 -33.85
N GLU F 84 -37.29 35.79 -34.32
CA GLU F 84 -36.72 34.98 -35.40
C GLU F 84 -36.08 33.73 -34.79
N GLY F 85 -36.57 32.58 -35.19
CA GLY F 85 -36.03 31.30 -34.73
C GLY F 85 -35.11 30.69 -35.77
N ILE F 86 -33.89 30.35 -35.36
CA ILE F 86 -32.92 29.74 -36.26
C ILE F 86 -32.58 28.33 -35.78
N LEU F 87 -32.65 27.36 -36.69
CA LEU F 87 -32.33 25.98 -36.40
C LEU F 87 -30.89 25.77 -36.83
N ALA F 88 -29.97 25.75 -35.86
CA ALA F 88 -28.54 25.64 -36.14
C ALA F 88 -27.76 25.28 -34.90
N ASP F 89 -26.56 24.77 -35.12
CA ASP F 89 -25.58 24.64 -34.08
C ASP F 89 -24.98 26.03 -33.82
N PHE F 90 -25.29 26.57 -32.66
CA PHE F 90 -24.85 27.93 -32.36
C PHE F 90 -23.34 28.11 -32.53
N LEU F 91 -22.58 27.08 -32.18
CA LEU F 91 -21.14 27.16 -32.22
C LEU F 91 -20.54 27.28 -33.61
N LEU F 92 -21.32 26.91 -34.62
CA LEU F 92 -20.85 26.94 -36.01
C LEU F 92 -21.63 27.95 -36.85
N TRP F 93 -22.54 28.67 -36.19
CA TRP F 93 -23.46 29.60 -36.86
C TRP F 93 -22.81 30.93 -37.24
N GLU F 94 -23.13 31.42 -38.44
CA GLU F 94 -22.64 32.71 -38.94
C GLU F 94 -23.80 33.67 -39.28
N PRO F 95 -24.18 34.56 -38.35
CA PRO F 95 -25.33 35.45 -38.59
C PRO F 95 -25.15 36.55 -39.63
N GLY F 96 -23.91 37.00 -39.85
CA GLY F 96 -23.67 38.12 -40.79
C GLY F 96 -23.72 39.53 -40.21
N GLU F 97 -24.58 39.77 -39.22
CA GLU F 97 -24.57 41.00 -38.44
C GLU F 97 -24.47 40.60 -36.98
N ALA F 98 -23.60 41.28 -36.23
CA ALA F 98 -23.38 41.04 -34.80
C ALA F 98 -24.55 41.55 -33.94
N PHE F 99 -24.49 41.26 -32.63
CA PHE F 99 -25.59 41.56 -31.70
C PHE F 99 -25.23 42.58 -30.65
N ASP F 100 -26.24 43.32 -30.19
CA ASP F 100 -26.09 44.26 -29.10
C ASP F 100 -26.15 43.56 -27.75
N LEU F 101 -26.96 42.52 -27.68
CA LEU F 101 -27.16 41.80 -26.43
C LEU F 101 -27.29 40.32 -26.70
N ILE F 102 -26.57 39.51 -25.92
CA ILE F 102 -26.71 38.06 -26.02
C ILE F 102 -26.93 37.59 -24.60
N LEU F 103 -27.98 36.80 -24.40
CA LEU F 103 -28.28 36.32 -23.05
C LEU F 103 -28.82 34.92 -23.01
N GLY F 104 -28.58 34.27 -21.88
CA GLY F 104 -29.16 32.94 -21.69
C GLY F 104 -28.31 32.01 -20.86
N ASN F 105 -28.60 30.72 -21.06
CA ASN F 105 -28.06 29.64 -20.26
C ASN F 105 -27.55 28.65 -21.27
N PRO F 106 -26.23 28.64 -21.53
CA PRO F 106 -25.69 27.65 -22.50
C PRO F 106 -25.77 26.22 -21.93
N PRO F 107 -25.64 25.21 -22.81
CA PRO F 107 -25.49 23.86 -22.28
C PRO F 107 -24.12 23.74 -21.60
N TYR F 108 -24.05 22.87 -20.59
CA TYR F 108 -22.80 22.61 -19.91
C TYR F 108 -22.38 21.15 -20.16
N GLY F 109 -21.09 20.94 -20.37
CA GLY F 109 -20.60 19.57 -20.48
C GLY F 109 -19.35 19.38 -21.33
N ILE F 110 -18.60 18.33 -21.01
CA ILE F 110 -17.41 17.96 -21.78
C ILE F 110 -17.77 17.10 -22.99
N VAL F 111 -17.22 17.48 -24.14
CA VAL F 111 -17.34 16.67 -25.35
C VAL F 111 -16.40 15.45 -25.29
N GLY F 112 -16.97 14.25 -25.30
CA GLY F 112 -16.10 13.07 -25.27
C GLY F 112 -16.89 11.77 -25.34
N GLU F 113 -16.17 10.66 -25.18
CA GLU F 113 -16.76 9.32 -25.31
C GLU F 113 -17.86 9.12 -24.29
N ALA F 114 -18.99 8.56 -24.74
CA ALA F 114 -20.21 8.43 -23.93
C ALA F 114 -20.09 7.64 -22.62
N SER F 115 -19.11 6.74 -22.55
CA SER F 115 -18.89 5.98 -21.32
C SER F 115 -18.43 6.88 -20.15
N LYS F 116 -17.94 8.07 -20.48
CA LYS F 116 -17.32 8.93 -19.48
C LYS F 116 -17.83 10.37 -19.52
N TYR F 117 -18.18 10.86 -20.71
CA TYR F 117 -18.53 12.27 -20.85
C TYR F 117 -19.91 12.44 -21.48
N PRO F 118 -20.58 13.56 -21.18
CA PRO F 118 -22.00 13.68 -21.59
C PRO F 118 -22.31 14.23 -22.99
N ILE F 119 -21.37 14.91 -23.63
CA ILE F 119 -21.67 15.53 -24.93
C ILE F 119 -21.06 14.70 -26.05
N HIS F 120 -21.94 14.18 -26.91
CA HIS F 120 -21.53 13.22 -27.92
C HIS F 120 -21.72 13.77 -29.33
N VAL F 121 -20.59 13.96 -30.02
CA VAL F 121 -20.59 14.43 -31.43
C VAL F 121 -19.54 13.62 -32.19
N PHE F 122 -19.60 13.65 -33.53
CA PHE F 122 -18.54 13.02 -34.33
C PHE F 122 -17.22 13.75 -34.07
N LYS F 123 -16.11 13.01 -34.18
CA LYS F 123 -14.79 13.61 -34.04
C LYS F 123 -14.62 14.83 -34.96
N ALA F 124 -15.18 14.72 -36.16
CA ALA F 124 -15.07 15.78 -37.15
C ALA F 124 -15.72 17.08 -36.68
N VAL F 125 -16.83 16.95 -35.94
CA VAL F 125 -17.51 18.08 -35.34
C VAL F 125 -16.63 18.69 -34.23
N LYS F 126 -16.09 17.84 -33.35
CA LYS F 126 -15.18 18.35 -32.33
C LYS F 126 -14.01 19.09 -32.97
N ASP F 127 -13.49 18.57 -34.09
CA ASP F 127 -12.42 19.25 -34.82
C ASP F 127 -12.82 20.64 -35.31
N LEU F 128 -14.05 20.77 -35.81
CA LEU F 128 -14.57 22.09 -36.19
C LEU F 128 -14.63 23.02 -34.98
N TYR F 129 -15.04 22.51 -33.81
CA TYR F 129 -15.04 23.33 -32.60
C TYR F 129 -13.64 23.83 -32.24
N LYS F 130 -12.69 22.91 -32.22
CA LYS F 130 -11.30 23.30 -31.95
C LYS F 130 -10.76 24.36 -32.91
N LYS F 131 -11.06 24.22 -34.19
CA LYS F 131 -10.67 25.20 -35.20
C LYS F 131 -11.28 26.59 -34.92
N ALA F 132 -12.55 26.58 -34.51
CA ALA F 132 -13.33 27.81 -34.34
C ALA F 132 -12.93 28.57 -33.09
N PHE F 133 -12.50 27.85 -32.04
CA PHE F 133 -12.36 28.46 -30.70
C PHE F 133 -10.94 28.56 -30.18
N SER F 134 -10.43 29.80 -30.11
CA SER F 134 -9.05 30.05 -29.71
C SER F 134 -8.82 29.74 -28.22
N THR F 135 -9.92 29.71 -27.46
CA THR F 135 -9.88 29.45 -26.01
C THR F 135 -9.96 27.96 -25.68
N TRP F 136 -10.20 27.13 -26.69
CA TRP F 136 -10.35 25.69 -26.43
C TRP F 136 -9.04 25.11 -25.86
N LYS F 137 -9.13 24.52 -24.67
CA LYS F 137 -7.95 24.03 -23.95
C LYS F 137 -8.31 22.75 -23.18
N GLY F 138 -7.40 21.76 -23.19
CA GLY F 138 -7.66 20.50 -22.47
C GLY F 138 -8.92 19.80 -22.99
N LYS F 139 -9.70 19.21 -22.10
CA LYS F 139 -10.97 18.59 -22.52
C LYS F 139 -11.98 19.71 -22.84
N TYR F 140 -11.81 20.85 -22.17
CA TYR F 140 -12.66 22.04 -22.31
C TYR F 140 -14.14 21.72 -22.00
N ASN F 141 -15.07 22.54 -22.51
CA ASN F 141 -16.50 22.43 -22.13
C ASN F 141 -17.34 23.24 -23.10
N LEU F 142 -18.52 22.73 -23.42
CA LEU F 142 -19.45 23.51 -24.25
C LEU F 142 -19.65 24.91 -23.71
N TYR F 143 -19.70 25.08 -22.38
CA TYR F 143 -20.06 26.40 -21.88
C TYR F 143 -18.97 27.43 -22.17
N GLY F 144 -17.71 26.96 -22.16
CA GLY F 144 -16.55 27.77 -22.56
C GLY F 144 -16.67 28.18 -24.02
N ALA F 145 -17.01 27.22 -24.88
CA ALA F 145 -17.16 27.49 -26.30
C ALA F 145 -18.31 28.48 -26.56
N PHE F 146 -19.45 28.29 -25.90
CA PHE F 146 -20.58 29.22 -26.03
C PHE F 146 -20.16 30.64 -25.62
N LEU F 147 -19.38 30.77 -24.55
CA LEU F 147 -18.91 32.11 -24.12
C LEU F 147 -18.06 32.78 -25.20
N GLU F 148 -17.07 32.04 -25.70
CA GLU F 148 -16.21 32.59 -26.75
C GLU F 148 -17.03 32.98 -27.98
N LYS F 149 -17.90 32.07 -28.43
CA LYS F 149 -18.76 32.34 -29.61
C LYS F 149 -19.54 33.63 -29.41
N ALA F 150 -20.15 33.75 -28.25
CA ALA F 150 -20.99 34.90 -27.93
C ALA F 150 -20.19 36.20 -27.99
N VAL F 151 -19.00 36.19 -27.38
CA VAL F 151 -18.11 37.35 -27.40
C VAL F 151 -17.80 37.75 -28.86
N ARG F 152 -17.52 36.76 -29.70
CA ARG F 152 -17.20 37.01 -31.10
C ARG F 152 -18.39 37.55 -31.87
N LEU F 153 -19.61 37.27 -31.38
CA LEU F 153 -20.87 37.73 -32.02
C LEU F 153 -21.39 39.06 -31.50
N LEU F 154 -20.68 39.67 -30.56
CA LEU F 154 -21.08 40.99 -30.05
C LEU F 154 -20.53 42.12 -30.92
N LYS F 155 -21.38 43.13 -31.11
CA LYS F 155 -20.93 44.43 -31.58
C LYS F 155 -19.98 45.09 -30.57
N PRO F 156 -19.12 46.03 -31.02
CA PRO F 156 -18.39 46.82 -30.05
C PRO F 156 -19.37 47.48 -29.09
N GLY F 157 -19.09 47.42 -27.79
CA GLY F 157 -19.95 47.94 -26.75
C GLY F 157 -21.12 47.02 -26.36
N GLY F 158 -21.29 45.94 -27.10
CA GLY F 158 -22.34 44.95 -26.85
C GLY F 158 -22.17 44.23 -25.51
N VAL F 159 -23.24 43.59 -25.06
CA VAL F 159 -23.29 43.00 -23.71
C VAL F 159 -23.73 41.54 -23.79
N LEU F 160 -23.10 40.67 -23.00
CA LEU F 160 -23.51 39.28 -22.87
C LEU F 160 -23.82 39.06 -21.39
N VAL F 161 -24.88 38.30 -21.12
CA VAL F 161 -25.24 37.93 -19.74
C VAL F 161 -25.59 36.44 -19.79
N PHE F 162 -24.70 35.60 -19.27
CA PHE F 162 -24.91 34.14 -19.27
C PHE F 162 -24.85 33.65 -17.84
N VAL F 163 -25.58 32.58 -17.55
CA VAL F 163 -25.38 31.82 -16.30
C VAL F 163 -24.61 30.53 -16.65
N VAL F 164 -23.50 30.31 -15.94
CA VAL F 164 -22.58 29.21 -16.25
C VAL F 164 -22.00 28.65 -14.95
N PRO F 165 -21.39 27.46 -15.01
CA PRO F 165 -20.67 26.99 -13.82
C PRO F 165 -19.58 27.97 -13.40
N ALA F 166 -19.25 27.95 -12.10
CA ALA F 166 -18.19 28.78 -11.53
C ALA F 166 -16.79 28.27 -11.86
N THR F 167 -16.70 27.10 -12.51
CA THR F 167 -15.39 26.44 -12.63
C THR F 167 -14.33 27.23 -13.39
N TRP F 168 -14.77 28.04 -14.36
CA TRP F 168 -13.83 28.82 -15.18
C TRP F 168 -13.11 29.90 -14.37
N LEU F 169 -13.64 30.22 -13.19
CA LEU F 169 -12.96 31.21 -12.32
C LEU F 169 -11.56 30.76 -11.92
N VAL F 170 -11.40 29.44 -11.77
CA VAL F 170 -10.19 28.89 -11.16
C VAL F 170 -9.46 27.83 -11.99
N LEU F 171 -10.17 27.12 -12.86
CA LEU F 171 -9.59 25.93 -13.50
C LEU F 171 -8.61 26.26 -14.65
N GLU F 172 -7.55 25.45 -14.75
CA GLU F 172 -6.60 25.60 -15.86
C GLU F 172 -7.20 25.45 -17.25
N ASP F 173 -8.19 24.57 -17.41
CA ASP F 173 -8.85 24.43 -18.72
C ASP F 173 -9.39 25.76 -19.22
N PHE F 174 -9.67 26.69 -18.32
CA PHE F 174 -10.29 27.96 -18.73
C PHE F 174 -9.33 29.13 -18.71
N ALA F 175 -8.02 28.84 -18.63
CA ALA F 175 -7.01 29.91 -18.59
C ALA F 175 -7.03 30.78 -19.84
N LEU F 176 -7.22 30.15 -21.01
CA LEU F 176 -7.25 30.93 -22.27
C LEU F 176 -8.54 31.72 -22.36
N LEU F 177 -9.64 31.13 -21.88
CA LEU F 177 -10.91 31.84 -21.83
C LEU F 177 -10.83 33.11 -20.95
N ARG F 178 -10.24 32.98 -19.76
CA ARG F 178 -10.10 34.12 -18.84
C ARG F 178 -9.26 35.21 -19.52
N GLU F 179 -8.17 34.80 -20.17
CA GLU F 179 -7.26 35.77 -20.83
C GLU F 179 -7.95 36.48 -22.00
N PHE F 180 -8.76 35.71 -22.74
CA PHE F 180 -9.60 36.22 -23.82
C PHE F 180 -10.58 37.28 -23.33
N LEU F 181 -11.38 36.95 -22.31
CA LEU F 181 -12.32 37.90 -21.74
C LEU F 181 -11.60 39.18 -21.29
N ALA F 182 -10.44 38.98 -20.66
CA ALA F 182 -9.66 40.10 -20.11
C ALA F 182 -9.24 41.06 -21.21
N ARG F 183 -8.88 40.52 -22.37
CA ARG F 183 -8.40 41.39 -23.45
C ARG F 183 -9.50 41.93 -24.35
N GLU F 184 -10.70 41.33 -24.31
CA GLU F 184 -11.78 41.65 -25.24
C GLU F 184 -12.78 42.68 -24.72
N GLY F 185 -12.76 42.90 -23.41
CA GLY F 185 -13.71 43.84 -22.82
C GLY F 185 -13.65 43.84 -21.32
N LYS F 186 -14.78 44.19 -20.71
CA LYS F 186 -14.87 44.32 -19.26
C LYS F 186 -15.83 43.27 -18.72
N THR F 187 -15.44 42.65 -17.60
CA THR F 187 -16.14 41.48 -17.12
C THR F 187 -16.65 41.70 -15.70
N SER F 188 -17.91 41.36 -15.47
CA SER F 188 -18.46 41.30 -14.11
C SER F 188 -18.94 39.90 -13.81
N VAL F 189 -18.49 39.36 -12.68
CA VAL F 189 -18.90 38.02 -12.25
C VAL F 189 -19.74 38.13 -10.99
N TYR F 190 -20.91 37.46 -10.98
CA TYR F 190 -21.83 37.46 -9.84
C TYR F 190 -21.99 36.05 -9.33
N TYR F 191 -21.51 35.80 -8.10
CA TYR F 191 -21.59 34.47 -7.54
C TYR F 191 -23.01 34.18 -7.09
N LEU F 192 -23.58 33.07 -7.59
CA LEU F 192 -24.88 32.56 -7.14
C LEU F 192 -24.76 31.31 -6.27
N GLY F 193 -23.89 30.38 -6.69
CA GLY F 193 -23.68 29.09 -5.99
C GLY F 193 -24.65 28.04 -6.52
N GLU F 194 -25.01 27.09 -5.67
CA GLU F 194 -25.78 25.94 -6.11
C GLU F 194 -27.28 26.24 -6.19
N VAL F 195 -27.67 26.94 -7.26
CA VAL F 195 -29.03 27.44 -7.41
C VAL F 195 -29.97 26.54 -8.25
N PHE F 196 -29.47 25.44 -8.82
CA PHE F 196 -30.32 24.58 -9.65
C PHE F 196 -30.71 23.35 -8.86
N PRO F 197 -32.02 23.18 -8.59
CA PRO F 197 -32.47 22.02 -7.80
C PRO F 197 -31.92 20.69 -8.34
N GLN F 198 -31.36 19.91 -7.42
CA GLN F 198 -30.85 18.55 -7.69
C GLN F 198 -29.66 18.46 -8.65
N LYS F 199 -28.99 19.59 -8.91
CA LYS F 199 -27.73 19.59 -9.66
C LYS F 199 -26.60 20.04 -8.75
N LYS F 200 -25.42 19.45 -8.94
CA LYS F 200 -24.28 19.76 -8.09
C LYS F 200 -23.59 21.07 -8.47
N VAL F 201 -23.87 21.59 -9.65
CA VAL F 201 -23.14 22.74 -10.16
C VAL F 201 -23.30 24.04 -9.34
N SER F 202 -22.19 24.73 -9.15
CA SER F 202 -22.14 25.99 -8.44
C SER F 202 -22.03 27.02 -9.56
N ALA F 203 -22.95 27.97 -9.59
CA ALA F 203 -23.13 28.85 -10.76
C ALA F 203 -22.67 30.30 -10.51
N VAL F 204 -22.26 30.97 -11.59
CA VAL F 204 -22.05 32.42 -11.58
C VAL F 204 -22.85 33.00 -12.75
N VAL F 205 -23.18 34.26 -12.66
CA VAL F 205 -23.62 35.02 -13.82
C VAL F 205 -22.42 35.84 -14.28
N ILE F 206 -22.16 35.81 -15.58
CA ILE F 206 -21.15 36.66 -16.16
C ILE F 206 -21.86 37.75 -16.95
N ARG F 207 -21.58 39.01 -16.63
CA ARG F 207 -21.97 40.12 -17.52
C ARG F 207 -20.71 40.66 -18.16
N PHE F 208 -20.57 40.48 -19.48
CA PHE F 208 -19.39 40.92 -20.19
C PHE F 208 -19.84 42.04 -21.13
N GLN F 209 -19.06 43.12 -21.18
CA GLN F 209 -19.29 44.16 -22.20
C GLN F 209 -18.08 44.29 -23.11
N LYS F 210 -18.33 44.33 -24.42
CA LYS F 210 -17.25 44.31 -25.41
C LYS F 210 -16.63 45.70 -25.60
N SER F 211 -16.16 46.24 -24.49
CA SER F 211 -15.51 47.55 -24.45
C SER F 211 -14.83 47.72 -23.09
N GLY F 212 -13.79 48.56 -23.06
CA GLY F 212 -13.08 48.82 -21.81
C GLY F 212 -12.31 47.59 -21.31
N LYS F 213 -12.08 47.56 -20.00
CA LYS F 213 -11.26 46.50 -19.40
C LYS F 213 -11.54 46.29 -17.90
N GLY F 214 -10.99 45.21 -17.38
CA GLY F 214 -11.04 44.94 -15.95
C GLY F 214 -12.10 43.93 -15.55
N LEU F 215 -12.03 43.59 -14.28
CA LEU F 215 -12.89 42.59 -13.69
C LEU F 215 -13.57 43.22 -12.46
N SER F 216 -14.86 42.94 -12.29
CA SER F 216 -15.60 43.25 -11.07
C SER F 216 -16.16 41.95 -10.53
N LEU F 217 -15.95 41.69 -9.23
CA LEU F 217 -16.45 40.46 -8.59
C LEU F 217 -17.53 40.82 -7.58
N TRP F 218 -18.67 40.15 -7.67
CA TRP F 218 -19.85 40.50 -6.90
C TRP F 218 -20.36 39.25 -6.20
N ASP F 219 -20.73 39.39 -4.92
CA ASP F 219 -21.47 38.35 -4.23
C ASP F 219 -22.93 38.62 -4.58
N THR F 220 -23.83 37.76 -4.14
CA THR F 220 -25.26 38.04 -4.25
C THR F 220 -25.98 37.59 -3.00
N GLN F 221 -27.17 38.14 -2.82
CA GLN F 221 -28.09 37.63 -1.81
C GLN F 221 -29.47 37.55 -2.43
N GLU F 222 -30.27 36.62 -1.94
CA GLU F 222 -31.63 36.46 -2.45
C GLU F 222 -32.45 37.70 -2.13
N SER F 223 -33.33 38.07 -3.06
CA SER F 223 -34.21 39.21 -2.83
C SER F 223 -35.65 38.79 -3.12
N GLU F 224 -36.58 39.75 -3.05
CA GLU F 224 -37.99 39.45 -3.23
C GLU F 224 -38.26 38.64 -4.52
N SER F 225 -37.71 39.10 -5.64
CA SER F 225 -38.00 38.46 -6.92
C SER F 225 -36.80 37.76 -7.57
N GLY F 226 -35.61 37.98 -7.01
CA GLY F 226 -34.42 37.41 -7.59
C GLY F 226 -33.20 37.47 -6.71
N PHE F 227 -32.23 38.25 -7.15
CA PHE F 227 -30.98 38.40 -6.42
C PHE F 227 -30.58 39.86 -6.42
N THR F 228 -29.93 40.26 -5.34
CA THR F 228 -29.28 41.55 -5.23
C THR F 228 -27.77 41.38 -5.25
N PRO F 229 -27.09 42.07 -6.17
CA PRO F 229 -25.63 42.00 -6.23
C PRO F 229 -24.99 42.87 -5.16
N ILE F 230 -23.89 42.37 -4.61
CA ILE F 230 -23.15 43.09 -3.58
C ILE F 230 -21.68 43.11 -4.03
N LEU F 231 -21.13 44.30 -4.28
CA LEU F 231 -19.76 44.39 -4.80
C LEU F 231 -18.77 43.83 -3.80
N TRP F 232 -17.90 42.94 -4.28
CA TRP F 232 -16.87 42.35 -3.43
C TRP F 232 -15.51 42.95 -3.70
N ALA F 233 -15.11 42.99 -4.97
CA ALA F 233 -13.77 43.48 -5.34
C ALA F 233 -13.73 43.95 -6.80
N GLU F 234 -12.74 44.78 -7.11
CA GLU F 234 -12.50 45.19 -8.48
C GLU F 234 -11.04 45.05 -8.80
N TYR F 235 -10.76 44.55 -10.00
CA TYR F 235 -9.40 44.35 -10.49
C TYR F 235 -9.31 45.05 -11.84
N PRO F 236 -8.99 46.35 -11.82
CA PRO F 236 -8.97 47.12 -13.05
C PRO F 236 -7.95 46.65 -14.09
N HIS F 237 -6.90 45.95 -13.64
CA HIS F 237 -5.84 45.49 -14.54
C HIS F 237 -5.87 43.98 -14.78
N TRP F 238 -7.01 43.35 -14.49
CA TRP F 238 -7.19 41.94 -14.74
C TRP F 238 -6.71 41.52 -16.13
N GLU F 239 -5.83 40.52 -16.16
CA GLU F 239 -5.32 39.99 -17.41
C GLU F 239 -5.68 38.50 -17.59
N GLY F 240 -6.64 38.01 -16.79
CA GLY F 240 -7.10 36.62 -16.90
C GLY F 240 -6.61 35.73 -15.77
N GLU F 241 -6.06 36.34 -14.72
CA GLU F 241 -5.66 35.57 -13.54
C GLU F 241 -6.87 34.86 -12.94
N ILE F 242 -6.59 33.77 -12.19
CA ILE F 242 -7.60 33.08 -11.40
C ILE F 242 -8.39 34.07 -10.53
N ILE F 243 -9.70 33.85 -10.49
CA ILE F 243 -10.62 34.74 -9.77
C ILE F 243 -10.94 34.12 -8.42
N ARG F 244 -10.75 34.91 -7.36
CA ARG F 244 -10.94 34.43 -5.97
C ARG F 244 -11.64 35.50 -5.12
N PHE F 245 -12.30 35.07 -4.05
CA PHE F 245 -12.89 35.99 -3.07
C PHE F 245 -11.82 36.27 -2.01
N GLU F 246 -11.06 37.34 -2.24
CA GLU F 246 -10.00 37.76 -1.33
C GLU F 246 -10.55 38.64 -0.23
N THR F 247 -9.90 38.58 0.93
CA THR F 247 -10.20 39.45 2.06
C THR F 247 -8.88 39.96 2.66
N GLU F 248 -8.97 40.91 3.59
CA GLU F 248 -7.77 41.37 4.27
C GLU F 248 -7.04 40.18 4.93
N GLU F 249 -7.83 39.27 5.52
CA GLU F 249 -7.32 38.05 6.15
C GLU F 249 -6.59 37.10 5.17
N THR F 250 -7.20 36.83 4.02
CA THR F 250 -6.52 35.93 3.07
C THR F 250 -5.22 36.56 2.59
N ARG F 251 -5.25 37.87 2.31
CA ARG F 251 -4.07 38.59 1.87
C ARG F 251 -2.97 38.55 2.93
N LYS F 252 -3.34 38.82 4.17
CA LYS F 252 -2.39 38.85 5.28
C LYS F 252 -1.68 37.52 5.43
N LEU F 253 -2.46 36.44 5.38
CA LEU F 253 -1.92 35.10 5.53
C LEU F 253 -0.97 34.77 4.38
N GLU F 254 -1.36 35.14 3.17
CA GLU F 254 -0.53 34.84 2.01
C GLU F 254 0.81 35.56 2.05
N ILE F 255 0.84 36.83 2.49
CA ILE F 255 2.13 37.55 2.60
C ILE F 255 3.00 37.03 3.77
N SER F 256 2.37 36.41 4.76
CA SER F 256 3.04 35.94 5.99
C SER F 256 3.94 34.71 5.83
N GLY F 257 3.83 34.02 4.71
CA GLY F 257 4.53 32.74 4.56
C GLY F 257 4.98 32.51 3.14
N MET F 258 5.80 31.48 2.96
CA MET F 258 6.23 31.07 1.62
C MET F 258 5.12 30.19 1.02
N PRO F 259 4.86 30.31 -0.30
CA PRO F 259 3.92 29.37 -0.92
C PRO F 259 4.39 27.94 -0.81
N LEU F 260 3.46 27.02 -0.55
CA LEU F 260 3.77 25.61 -0.39
C LEU F 260 4.52 25.09 -1.61
N GLY F 261 4.21 25.65 -2.77
CA GLY F 261 4.77 25.18 -4.04
C GLY F 261 6.22 25.59 -4.23
N ASP F 262 6.67 26.55 -3.44
CA ASP F 262 8.10 26.92 -3.44
C ASP F 262 8.91 25.98 -2.54
N LEU F 263 8.22 25.22 -1.69
CA LEU F 263 8.86 24.26 -0.79
C LEU F 263 8.86 22.84 -1.32
N PHE F 264 7.88 22.52 -2.17
CA PHE F 264 7.65 21.14 -2.60
C PHE F 264 7.47 21.05 -4.10
N HIS F 265 7.99 19.97 -4.70
CA HIS F 265 7.53 19.52 -6.01
C HIS F 265 6.17 18.88 -5.76
N ILE F 266 5.17 19.25 -6.54
CA ILE F 266 3.82 18.66 -6.38
C ILE F 266 3.51 17.78 -7.57
N ARG F 267 3.27 16.51 -7.28
CA ARG F 267 2.97 15.52 -8.32
C ARG F 267 1.61 14.91 -8.03
N PHE F 268 1.03 14.26 -9.04
CA PHE F 268 -0.25 13.54 -8.80
C PHE F 268 -0.01 12.05 -8.84
N ALA F 269 -0.92 11.31 -8.23
CA ALA F 269 -0.88 9.84 -8.29
C ALA F 269 -0.91 9.32 -9.73
N ALA F 270 -0.26 8.17 -9.93
CA ALA F 270 -0.50 7.38 -11.15
C ALA F 270 -2.01 7.15 -11.26
N ARG F 271 -2.55 7.11 -12.48
CA ARG F 271 -4.00 7.01 -12.68
C ARG F 271 -4.40 5.56 -12.76
N SER F 272 -5.70 5.29 -12.59
CA SER F 272 -6.20 3.91 -12.59
C SER F 272 -5.72 3.02 -13.77
N PRO F 273 -5.72 3.51 -15.04
CA PRO F 273 -5.27 2.64 -16.15
C PRO F 273 -3.82 2.22 -16.04
N GLU F 274 -2.99 3.03 -15.40
CA GLU F 274 -1.60 2.72 -15.20
C GLU F 274 -1.45 1.51 -14.29
N PHE F 275 -2.30 1.45 -13.28
CA PHE F 275 -2.30 0.30 -12.36
C PHE F 275 -2.86 -0.92 -13.07
N LYS F 276 -3.97 -0.73 -13.78
CA LYS F 276 -4.64 -1.85 -14.46
C LYS F 276 -3.72 -2.56 -15.45
N LYS F 277 -2.77 -1.84 -16.01
CA LYS F 277 -1.88 -2.43 -17.01
C LYS F 277 -0.56 -2.94 -16.43
N HIS F 278 -0.35 -2.74 -15.13
CA HIS F 278 0.93 -3.13 -14.53
C HIS F 278 0.95 -4.62 -14.17
N PRO F 279 2.05 -5.33 -14.54
CA PRO F 279 2.07 -6.78 -14.33
C PRO F 279 1.96 -7.26 -12.89
N ALA F 280 2.27 -6.41 -11.90
CA ALA F 280 2.23 -6.82 -10.49
C ALA F 280 0.85 -6.61 -9.85
N VAL F 281 -0.01 -5.83 -10.51
CA VAL F 281 -1.31 -5.49 -9.95
C VAL F 281 -2.29 -6.65 -10.09
N ARG F 282 -3.07 -6.86 -9.03
CA ARG F 282 -4.10 -7.90 -8.96
C ARG F 282 -5.48 -7.36 -8.52
N LYS F 283 -6.53 -8.11 -8.83
CA LYS F 283 -7.89 -7.74 -8.47
C LYS F 283 -8.38 -8.40 -7.18
N GLU F 284 -7.49 -9.13 -6.51
CA GLU F 284 -7.81 -9.86 -5.30
C GLU F 284 -6.63 -9.76 -4.34
N PRO F 285 -6.91 -9.80 -3.01
CA PRO F 285 -5.82 -9.72 -2.04
C PRO F 285 -5.01 -11.02 -2.07
N GLY F 286 -3.82 -11.01 -1.50
CA GLY F 286 -3.02 -12.23 -1.39
C GLY F 286 -1.68 -11.97 -0.75
N PRO F 287 -0.81 -13.01 -0.71
CA PRO F 287 0.49 -12.90 -0.06
C PRO F 287 1.29 -11.77 -0.65
N GLY F 288 1.69 -10.87 0.22
CA GLY F 288 2.55 -9.80 -0.15
C GLY F 288 1.87 -8.71 -0.97
N LEU F 289 0.53 -8.66 -0.95
CA LEU F 289 -0.19 -7.57 -1.65
C LEU F 289 -0.77 -6.57 -0.65
N VAL F 290 -0.67 -5.27 -0.98
CA VAL F 290 -1.30 -4.20 -0.21
C VAL F 290 -2.34 -3.50 -1.09
N PRO F 291 -3.34 -2.85 -0.48
CA PRO F 291 -4.32 -2.12 -1.29
C PRO F 291 -3.68 -0.93 -1.98
N VAL F 292 -4.08 -0.70 -3.24
CA VAL F 292 -3.78 0.55 -3.91
C VAL F 292 -4.74 1.59 -3.32
N LEU F 293 -4.16 2.63 -2.72
CA LEU F 293 -4.91 3.56 -1.89
C LEU F 293 -5.64 4.60 -2.75
N THR F 294 -6.78 5.10 -2.26
CA THR F 294 -7.46 6.21 -2.94
C THR F 294 -7.67 7.34 -1.96
N GLY F 295 -8.38 8.39 -2.39
CA GLY F 295 -8.74 9.47 -1.46
C GLY F 295 -9.52 9.02 -0.23
N ARG F 296 -10.23 7.90 -0.34
CA ARG F 296 -10.98 7.35 0.77
C ARG F 296 -10.05 6.83 1.87
N ASN F 297 -8.79 6.63 1.54
CA ASN F 297 -7.81 6.18 2.54
C ASN F 297 -7.11 7.32 3.24
N LEU F 298 -7.27 8.54 2.69
CA LEU F 298 -6.64 9.72 3.25
C LEU F 298 -7.55 10.41 4.24
N LYS F 299 -7.03 10.61 5.44
CA LYS F 299 -7.78 11.27 6.51
C LYS F 299 -6.95 12.43 7.03
N PRO F 300 -7.55 13.37 7.79
CA PRO F 300 -6.72 14.46 8.31
C PRO F 300 -5.70 13.97 9.34
N GLY F 301 -4.43 13.93 8.95
CA GLY F 301 -3.35 13.57 9.86
C GLY F 301 -3.03 12.10 9.93
N TRP F 302 -3.77 11.27 9.17
CA TRP F 302 -3.46 9.85 9.10
C TRP F 302 -3.98 9.16 7.84
N VAL F 303 -3.50 7.93 7.62
CA VAL F 303 -3.82 7.15 6.45
C VAL F 303 -4.38 5.80 6.92
N ASP F 304 -5.54 5.43 6.37
CA ASP F 304 -6.07 4.09 6.56
C ASP F 304 -5.44 3.14 5.53
N TYR F 305 -4.59 2.23 6.01
CA TYR F 305 -3.92 1.27 5.11
C TYR F 305 -4.67 -0.03 4.95
N GLU F 306 -5.78 -0.16 5.69
CA GLU F 306 -6.50 -1.41 5.81
C GLU F 306 -7.55 -1.62 4.73
N LYS F 307 -8.46 -0.65 4.56
CA LYS F 307 -9.59 -0.84 3.64
C LYS F 307 -9.22 -0.55 2.20
N ASN F 308 -9.61 -1.47 1.32
CA ASN F 308 -9.42 -1.30 -0.12
C ASN F 308 -10.66 -0.71 -0.80
N HIS F 309 -10.45 0.44 -1.44
CA HIS F 309 -11.52 1.16 -2.15
C HIS F 309 -11.33 1.20 -3.67
N SER F 310 -10.15 0.76 -4.13
CA SER F 310 -9.78 0.76 -5.57
C SER F 310 -10.10 -0.54 -6.30
N GLY F 311 -10.22 -1.64 -5.56
CA GLY F 311 -10.36 -2.94 -6.19
C GLY F 311 -9.04 -3.52 -6.70
N LEU F 312 -7.94 -2.83 -6.38
CA LEU F 312 -6.61 -3.20 -6.90
C LEU F 312 -5.65 -3.43 -5.75
N TRP F 313 -4.78 -4.43 -5.92
CA TRP F 313 -3.77 -4.76 -4.92
C TRP F 313 -2.45 -4.96 -5.65
N MET F 314 -1.34 -4.72 -4.96
CA MET F 314 -0.03 -4.93 -5.55
C MET F 314 1.03 -5.06 -4.45
N PRO F 315 2.18 -5.65 -4.77
CA PRO F 315 3.24 -5.72 -3.78
C PRO F 315 3.73 -4.31 -3.47
N LYS F 316 3.79 -3.98 -2.17
CA LYS F 316 4.25 -2.64 -1.76
C LYS F 316 5.60 -2.31 -2.39
N GLU F 317 6.52 -3.28 -2.40
CA GLU F 317 7.86 -3.07 -2.97
C GLU F 317 7.91 -2.73 -4.46
N ARG F 318 6.84 -3.03 -5.21
CA ARG F 318 6.82 -2.66 -6.63
C ARG F 318 6.09 -1.35 -6.98
N ALA F 319 5.54 -0.69 -5.97
CA ALA F 319 4.85 0.60 -6.16
C ALA F 319 5.74 1.62 -6.87
N LYS F 320 7.03 1.63 -6.52
CA LYS F 320 7.96 2.60 -7.10
C LYS F 320 8.07 2.49 -8.63
N GLU F 321 7.65 1.35 -9.19
CA GLU F 321 7.67 1.19 -10.64
C GLU F 321 6.66 2.11 -11.34
N LEU F 322 5.60 2.47 -10.62
CA LEU F 322 4.58 3.35 -11.18
C LEU F 322 4.99 4.81 -11.03
N ARG F 323 5.35 5.19 -9.80
CA ARG F 323 6.01 6.48 -9.54
C ARG F 323 7.17 6.29 -8.56
N ASP F 324 8.34 6.82 -8.91
CA ASP F 324 9.51 6.60 -8.06
C ASP F 324 9.28 7.06 -6.63
N PHE F 325 8.47 8.10 -6.47
CA PHE F 325 8.23 8.67 -5.14
C PHE F 325 7.37 7.82 -4.18
N TYR F 326 6.73 6.76 -4.70
CA TYR F 326 6.00 5.86 -3.82
C TYR F 326 6.98 5.04 -2.97
N ALA F 327 8.26 5.15 -3.28
CA ALA F 327 9.31 4.41 -2.57
C ALA F 327 9.62 5.02 -1.21
N THR F 328 9.34 6.30 -1.04
CA THR F 328 9.71 6.99 0.20
C THR F 328 8.55 7.69 0.91
N PRO F 329 8.55 7.69 2.26
CA PRO F 329 7.52 8.40 3.01
C PRO F 329 7.46 9.86 2.60
N HIS F 330 6.23 10.37 2.46
CA HIS F 330 6.07 11.73 1.98
C HIS F 330 4.68 12.28 2.31
N LEU F 331 4.56 13.59 2.15
CA LEU F 331 3.30 14.30 2.37
C LEU F 331 2.30 14.05 1.22
N VAL F 332 1.08 13.68 1.60
CA VAL F 332 -0.04 13.48 0.68
C VAL F 332 -1.14 14.47 1.04
N VAL F 333 -1.71 15.13 0.03
CA VAL F 333 -2.80 16.08 0.22
C VAL F 333 -3.95 15.72 -0.71
N ALA F 334 -5.17 15.84 -0.18
CA ALA F 334 -6.39 15.38 -0.85
C ALA F 334 -6.80 16.27 -2.02
N HIS F 335 -7.40 15.66 -3.04
CA HIS F 335 -7.89 16.41 -4.20
C HIS F 335 -9.40 16.46 -4.27
N THR F 336 -10.09 15.46 -3.71
CA THR F 336 -11.54 15.35 -3.90
C THR F 336 -12.27 15.22 -2.57
N LYS F 337 -12.01 16.20 -1.70
CA LYS F 337 -12.74 16.34 -0.46
C LYS F 337 -13.45 17.70 -0.38
N GLY F 338 -13.69 18.31 -1.53
CA GLY F 338 -14.30 19.65 -1.58
C GLY F 338 -13.26 20.72 -1.29
N THR F 339 -13.72 21.89 -0.87
CA THR F 339 -12.82 23.03 -0.60
C THR F 339 -12.24 22.91 0.78
N ARG F 340 -11.22 22.09 0.88
CA ARG F 340 -10.57 21.88 2.15
C ARG F 340 -9.16 21.38 1.89
N VAL F 341 -8.32 21.46 2.90
CA VAL F 341 -6.95 20.98 2.83
C VAL F 341 -6.89 19.85 3.85
N VAL F 342 -6.71 18.65 3.34
CA VAL F 342 -6.63 17.44 4.18
C VAL F 342 -5.30 16.79 3.82
N ALA F 343 -4.45 16.61 4.83
CA ALA F 343 -3.06 16.19 4.59
C ALA F 343 -2.64 15.11 5.57
N ALA F 344 -1.76 14.24 5.12
CA ALA F 344 -1.17 13.25 6.03
C ALA F 344 0.19 12.84 5.52
N TRP F 345 1.06 12.44 6.44
CA TRP F 345 2.34 11.86 6.08
C TRP F 345 2.15 10.35 5.85
N ASP F 346 2.46 9.89 4.65
CA ASP F 346 2.40 8.45 4.36
C ASP F 346 3.71 7.81 4.85
N GLU F 347 3.70 7.35 6.10
CA GLU F 347 4.91 6.80 6.73
C GLU F 347 5.33 5.47 6.11
N ARG F 348 4.36 4.72 5.56
CA ARG F 348 4.63 3.37 5.03
C ARG F 348 5.05 3.32 3.56
N ALA F 349 4.88 4.43 2.84
CA ALA F 349 5.13 4.53 1.40
C ALA F 349 4.35 3.48 0.59
N TYR F 350 3.03 3.71 0.48
CA TYR F 350 2.12 2.81 -0.24
C TYR F 350 1.90 3.24 -1.68
N PRO F 351 1.37 2.33 -2.52
CA PRO F 351 0.89 2.73 -3.84
C PRO F 351 -0.40 3.55 -3.69
N TRP F 352 -0.47 4.70 -4.36
CA TRP F 352 -1.70 5.50 -4.39
C TRP F 352 -2.23 5.63 -5.79
N ARG F 353 -3.57 5.56 -5.92
CA ARG F 353 -4.26 5.79 -7.20
C ARG F 353 -4.81 7.20 -7.31
N GLU F 354 -4.77 7.95 -6.21
CA GLU F 354 -5.26 9.33 -6.19
C GLU F 354 -4.42 10.23 -5.28
N GLU F 355 -4.77 11.52 -5.31
CA GLU F 355 -4.23 12.59 -4.46
C GLU F 355 -2.92 13.21 -4.93
N PHE F 356 -2.60 14.35 -4.33
CA PHE F 356 -1.33 15.01 -4.56
C PHE F 356 -0.25 14.42 -3.67
N HIS F 357 0.94 14.35 -4.24
CA HIS F 357 2.14 13.80 -3.58
C HIS F 357 3.24 14.84 -3.63
N LEU F 358 3.62 15.32 -2.43
CA LEU F 358 4.51 16.45 -2.27
C LEU F 358 5.87 15.99 -1.80
N LEU F 359 6.89 16.38 -2.55
CA LEU F 359 8.28 15.94 -2.31
C LEU F 359 9.12 17.19 -2.12
N PRO F 360 9.83 17.29 -0.96
CA PRO F 360 10.58 18.50 -0.65
C PRO F 360 11.58 18.83 -1.74
N LYS F 361 11.70 20.12 -2.05
CA LYS F 361 12.72 20.60 -2.96
C LYS F 361 14.08 20.55 -2.27
N GLU F 362 15.14 20.54 -3.08
CA GLU F 362 16.52 20.55 -2.58
C GLU F 362 16.78 21.77 -1.70
N GLY F 363 17.30 21.53 -0.50
CA GLY F 363 17.63 22.59 0.45
C GLY F 363 16.51 22.93 1.42
N VAL F 364 15.36 22.29 1.25
CA VAL F 364 14.22 22.54 2.14
C VAL F 364 14.31 21.79 3.48
N ARG F 365 14.22 22.54 4.58
CA ARG F 365 14.03 21.98 5.92
C ARG F 365 12.56 22.01 6.27
N LEU F 366 12.06 20.93 6.82
CA LEU F 366 10.67 20.87 7.24
C LEU F 366 10.49 20.22 8.60
N ASP F 367 9.43 20.62 9.29
CA ASP F 367 8.96 19.87 10.45
C ASP F 367 7.65 19.21 10.01
N PRO F 368 7.73 17.96 9.49
CA PRO F 368 6.57 17.30 8.87
C PRO F 368 5.33 17.25 9.75
N SER F 369 5.50 16.88 11.02
CA SER F 369 4.33 16.75 11.90
C SER F 369 3.65 18.10 12.16
N SER F 370 4.44 19.15 12.32
CA SER F 370 3.84 20.47 12.56
C SER F 370 3.24 21.07 11.26
N LEU F 371 3.87 20.79 10.13
CA LEU F 371 3.34 21.20 8.81
C LEU F 371 1.99 20.54 8.53
N VAL F 372 1.90 19.24 8.77
CA VAL F 372 0.64 18.51 8.62
C VAL F 372 -0.47 19.10 9.52
N GLN F 373 -0.13 19.38 10.78
CA GLN F 373 -1.06 20.05 11.69
C GLN F 373 -1.53 21.40 11.11
N TRP F 374 -0.59 22.19 10.58
CA TRP F 374 -0.94 23.49 9.99
C TRP F 374 -1.86 23.32 8.78
N LEU F 375 -1.53 22.40 7.88
CA LEU F 375 -2.37 22.15 6.69
C LEU F 375 -3.79 21.73 7.07
N ASN F 376 -3.92 20.97 8.16
CA ASN F 376 -5.22 20.48 8.58
C ASN F 376 -5.95 21.45 9.52
N SER F 377 -5.34 22.60 9.77
CA SER F 377 -5.88 23.52 10.80
C SER F 377 -7.17 24.19 10.36
N GLU F 378 -7.99 24.58 11.34
CA GLU F 378 -9.19 25.38 11.05
C GLU F 378 -8.86 26.65 10.27
N ALA F 379 -7.73 27.30 10.59
CA ALA F 379 -7.32 28.55 9.92
C ALA F 379 -7.17 28.28 8.43
N MET F 380 -6.56 27.12 8.13
CA MET F 380 -6.34 26.73 6.73
C MET F 380 -7.65 26.43 6.02
N GLN F 381 -8.56 25.72 6.68
CA GLN F 381 -9.89 25.42 6.07
C GLN F 381 -10.65 26.73 5.76
N LYS F 382 -10.64 27.66 6.72
CA LYS F 382 -11.30 28.96 6.52
C LYS F 382 -10.68 29.74 5.37
N HIS F 383 -9.35 29.67 5.26
CA HIS F 383 -8.61 30.36 4.22
C HIS F 383 -9.05 29.89 2.81
N VAL F 384 -9.08 28.57 2.59
CA VAL F 384 -9.46 28.08 1.25
C VAL F 384 -10.97 28.28 0.98
N ARG F 385 -11.78 28.13 2.01
CA ARG F 385 -13.22 28.28 1.88
C ARG F 385 -13.57 29.73 1.54
N THR F 386 -12.82 30.67 2.11
CA THR F 386 -13.00 32.09 1.76
C THR F 386 -12.67 32.34 0.30
N LEU F 387 -11.47 31.92 -0.12
CA LEU F 387 -10.98 32.23 -1.45
C LEU F 387 -11.81 31.57 -2.55
N TYR F 388 -12.14 30.29 -2.37
CA TYR F 388 -12.61 29.47 -3.50
C TYR F 388 -14.05 29.01 -3.32
N ARG F 389 -14.66 29.36 -2.20
CA ARG F 389 -16.03 28.92 -1.93
C ARG F 389 -16.27 27.46 -2.36
N ASP F 390 -17.24 27.25 -3.26
CA ASP F 390 -17.59 25.91 -3.74
C ASP F 390 -17.59 25.89 -5.28
N PHE F 391 -16.69 26.67 -5.88
CA PHE F 391 -16.62 26.75 -7.34
C PHE F 391 -16.46 25.37 -7.94
N VAL F 392 -15.54 24.57 -7.38
CA VAL F 392 -15.29 23.22 -7.87
C VAL F 392 -15.23 22.27 -6.66
N PRO F 393 -15.47 20.96 -6.89
CA PRO F 393 -15.49 19.95 -5.83
C PRO F 393 -14.11 19.43 -5.42
N HIS F 394 -13.08 20.20 -5.69
CA HIS F 394 -11.69 19.79 -5.45
C HIS F 394 -10.89 20.87 -4.78
N LEU F 395 -9.85 20.48 -4.04
CA LEU F 395 -8.68 21.33 -3.95
C LEU F 395 -7.80 21.11 -5.19
N THR F 396 -7.56 22.16 -5.99
CA THR F 396 -6.76 21.98 -7.21
C THR F 396 -5.29 22.32 -6.99
N LEU F 397 -4.45 21.97 -7.96
CA LEU F 397 -3.03 22.28 -7.86
C LEU F 397 -2.80 23.78 -7.67
N ARG F 398 -3.54 24.59 -8.44
CA ARG F 398 -3.36 26.04 -8.38
C ARG F 398 -3.70 26.61 -6.99
N MET F 399 -4.65 26.00 -6.30
CA MET F 399 -4.98 26.37 -4.91
C MET F 399 -3.88 25.89 -3.97
N LEU F 400 -3.51 24.63 -4.14
CA LEU F 400 -2.51 23.99 -3.27
C LEU F 400 -1.15 24.67 -3.30
N GLU F 401 -0.68 24.99 -4.51
CA GLU F 401 0.63 25.63 -4.72
C GLU F 401 0.76 26.91 -3.89
N ARG F 402 -0.35 27.64 -3.76
CA ARG F 402 -0.37 28.94 -3.09
C ARG F 402 -0.60 28.93 -1.58
N LEU F 403 -0.79 27.76 -0.99
CA LEU F 403 -1.05 27.70 0.46
C LEU F 403 0.13 28.30 1.22
N PRO F 404 -0.12 29.25 2.14
CA PRO F 404 1.04 29.84 2.82
C PRO F 404 1.63 28.99 3.94
N VAL F 405 2.96 28.92 3.97
CA VAL F 405 3.72 28.17 5.00
C VAL F 405 4.80 29.08 5.67
N ARG F 406 4.66 29.39 6.96
CA ARG F 406 5.68 30.20 7.67
C ARG F 406 6.87 29.36 8.17
N ARG F 407 7.87 30.02 8.78
CA ARG F 407 9.16 29.36 9.14
C ARG F 407 9.05 28.31 10.25
N GLU F 408 7.97 28.35 11.01
CA GLU F 408 7.68 27.34 12.03
C GLU F 408 7.65 25.92 11.41
N TYR F 409 7.17 25.85 10.17
CA TYR F 409 6.80 24.59 9.52
C TYR F 409 7.80 24.16 8.46
N GLY F 410 8.30 25.14 7.71
CA GLY F 410 9.21 24.90 6.60
C GLY F 410 10.07 26.12 6.29
N PHE F 411 11.23 25.87 5.71
CA PHE F 411 12.22 26.91 5.46
C PHE F 411 13.09 26.48 4.30
N HIS F 412 13.25 27.38 3.33
CA HIS F 412 14.14 27.12 2.20
C HIS F 412 15.50 27.76 2.41
N THR F 413 16.55 26.94 2.46
CA THR F 413 17.90 27.45 2.67
C THR F 413 18.55 27.92 1.36
N NEA G . 26.99 -13.22 21.73
CB NEA G . 27.91 -14.13 21.03
CG NEA G . 27.32 -15.51 20.75
SD NEA G . 26.80 -16.38 22.27
C5' NEA G . 28.45 -16.77 22.92
C4' NEA G . 28.68 -16.09 24.28
O4' NEA G . 27.61 -16.34 25.15
C3' NEA G . 29.93 -16.56 25.02
O3' NEA G . 30.68 -15.45 25.47
C2' NEA G . 29.38 -17.36 26.21
O2' NEA G . 30.25 -17.39 27.34
C1' NEA G . 28.05 -16.67 26.48
N9 NEA G . 26.98 -17.46 27.07
C8 NEA G . 26.59 -18.75 26.76
N7 NEA G . 25.55 -19.09 27.55
C5 NEA G . 25.25 -18.04 28.37
C6 NEA G . 24.29 -17.84 29.37
N6 NEA G . 23.39 -18.76 29.70
N1 NEA G . 24.25 -16.63 30.03
C2 NEA G . 25.15 -15.63 29.72
N3 NEA G . 26.11 -15.85 28.76
C4 NEA G . 26.15 -17.02 28.08
C1 GOL H . 12.75 -66.94 3.88
O1 GOL H . 11.67 -66.02 3.85
C2 GOL H . 14.06 -66.25 4.26
O2 GOL H . 13.82 -65.41 5.38
C3 GOL H . 14.58 -65.39 3.11
O3 GOL H . 14.94 -66.16 1.98
C1 GOL I . 24.03 -22.86 29.07
O1 GOL I . 23.28 -21.67 29.15
C2 GOL I . 25.41 -22.64 28.45
O2 GOL I . 25.33 -21.91 27.24
C3 GOL I . 26.33 -21.90 29.43
O3 GOL I . 26.80 -22.82 30.39
C1 GOL J . 18.36 -13.16 1.47
O1 GOL J . 17.47 -13.83 0.59
C2 GOL J . 19.68 -12.86 0.79
O2 GOL J . 19.47 -12.07 -0.37
C3 GOL J . 20.63 -12.13 1.75
O3 GOL J . 20.33 -10.76 1.84
N NEA K . -30.92 27.13 -22.57
CB NEA K . -31.35 25.83 -21.93
CG NEA K . -30.17 25.02 -21.42
SD NEA K . -29.05 24.54 -22.77
C5' NEA K . -30.12 23.24 -23.46
C4' NEA K . -30.65 23.59 -24.86
O4' NEA K . -29.53 23.88 -25.71
C3' NEA K . -31.46 22.49 -25.54
O3' NEA K . -32.67 23.02 -26.12
C2' NEA K . -30.44 21.95 -26.56
O2' NEA K . -31.01 21.35 -27.69
C1' NEA K . -29.71 23.22 -26.94
N9 NEA K . -28.37 23.08 -27.53
C8 NEA K . -27.36 22.22 -27.12
N7 NEA K . -26.29 22.43 -27.92
C5 NEA K . -26.61 23.41 -28.81
C6 NEA K . -25.89 24.03 -29.84
N6 NEA K . -24.63 23.71 -30.15
N1 NEA K . -26.50 25.04 -30.57
C2 NEA K . -27.81 25.40 -30.31
N3 NEA K . -28.51 24.80 -29.30
C4 NEA K . -27.91 23.83 -28.56
C1 GOL L . -22.92 20.01 -29.12
O1 GOL L . -23.03 21.38 -29.48
C2 GOL L . -24.25 19.41 -28.63
O2 GOL L . -24.73 20.07 -27.48
C3 GOL L . -25.29 19.49 -29.75
O3 GOL L . -25.02 18.47 -30.67
C1 GOL M . -30.37 37.19 -37.11
O1 GOL M . -31.34 38.14 -37.53
C2 GOL M . -29.37 36.80 -38.22
O2 GOL M . -28.63 37.92 -38.64
C3 GOL M . -30.05 36.21 -39.45
O3 GOL M . -30.59 34.95 -39.15
C1 GOL N . -43.90 40.29 -35.95
O1 GOL N . -44.17 41.00 -34.76
C2 GOL N . -44.84 39.09 -36.06
O2 GOL N . -44.27 38.15 -36.93
C3 GOL N . -46.17 39.56 -36.63
O3 GOL N . -46.15 39.47 -38.03
C1 GOL O . -40.35 42.55 -31.63
O1 GOL O . -40.86 42.97 -30.38
C2 GOL O . -41.34 42.95 -32.74
O2 GOL O . -42.67 42.82 -32.29
C3 GOL O . -41.13 42.08 -33.97
O3 GOL O . -41.83 42.61 -35.07
#